data_4B13
#
_entry.id   4B13
#
_cell.length_a   57.320
_cell.length_b   119.130
_cell.length_c   178.460
_cell.angle_alpha   90.00
_cell.angle_beta   90.00
_cell.angle_gamma   90.00
#
_symmetry.space_group_name_H-M   'P 21 21 21'
#
loop_
_entity.id
_entity.type
_entity.pdbx_description
1 polymer 'GLYCYLPEPTIDE N-TETRADECANOYLTRANSFERASE'
2 non-polymer 4-{[2-(3-benzyl-1,2,4-oxadiazol-5-yl)-3-methyl-1-benzofuran-4-yl]oxy}piperidine
3 non-polymer 2-oxopentadecyl-CoA
4 non-polymer 'CHLORIDE ION'
5 non-polymer 'MAGNESIUM ION'
6 non-polymer 'SULFATE ION'
7 water water
#
_entity_poly.entity_id   1
_entity_poly.type   'polypeptide(L)'
_entity_poly.pdbx_seq_one_letter_code
;MDYKFWYTQPVPKINDEFNESVNEPFISDNKVEDVRKDEYKLPPGYSWYVCDVKDEKDRSEIYTLLTDNYVEDDDNIFRF
NYSAEFLLWALTSPNYLKTWHIGVKYDASNKLIGFISAIPTDICIHKRTIKMAEVNFLCVHKTLRSKRLAPVLIKEITRR
INLENIWQAIYTAGVYLPKPVSDARYYHRSINVKKLIEIGFSSLNSRLTMSRAIKLYRVEDTLNIKNMRLMKKKDVEGVH
KLLGSYLEQFNLYAVFTKEEIAHWFLPIENVIYTYVNEENGKIKDMISFYSLPSQILGNDKYSTLNAAYSFYNVTTTATF
KQLMQDAILLAKRNNFDVFNALEVMQNKSVFEDLKFGEGDGSLKYYLYNWKCASFAPAHVGIVLL
;
_entity_poly.pdbx_strand_id   A,B,C
#
loop_
_chem_comp.id
_chem_comp.type
_chem_comp.name
_chem_comp.formula
CL non-polymer 'CHLORIDE ION' 'Cl -1'
MG non-polymer 'MAGNESIUM ION' 'Mg 2'
NHW non-polymer 2-oxopentadecyl-CoA 'C36 H64 N7 O17 P3 S'
SO4 non-polymer 'SULFATE ION' 'O4 S -2'
X25 non-polymer 4-{[2-(3-benzyl-1,2,4-oxadiazol-5-yl)-3-methyl-1-benzofuran-4-yl]oxy}piperidine 'C23 H23 N3 O3'
#
# COMPACT_ATOMS: atom_id res chain seq x y z
N MET A 1 15.77 -30.37 19.38
CA MET A 1 16.24 -31.11 20.60
C MET A 1 15.06 -31.44 21.56
N ASP A 2 15.21 -31.30 22.89
CA ASP A 2 14.15 -31.72 23.84
C ASP A 2 13.27 -30.62 24.44
N TYR A 3 13.83 -29.40 24.53
CA TYR A 3 13.18 -28.22 25.13
C TYR A 3 12.36 -28.48 26.42
N LYS A 4 13.03 -29.07 27.38
CA LYS A 4 12.37 -29.38 28.60
C LYS A 4 12.02 -28.17 29.41
N PHE A 5 12.72 -27.03 29.27
CA PHE A 5 12.19 -25.79 29.86
C PHE A 5 11.06 -25.20 29.01
N TRP A 6 11.35 -24.99 27.73
CA TRP A 6 10.37 -24.35 26.86
C TRP A 6 9.04 -24.97 26.76
N TYR A 7 8.93 -26.33 26.81
CA TYR A 7 7.63 -27.03 26.70
C TYR A 7 6.72 -26.83 27.92
N THR A 8 7.27 -26.28 28.99
CA THR A 8 6.45 -25.91 30.18
C THR A 8 5.99 -24.46 30.10
N GLN A 9 6.38 -23.77 29.02
CA GLN A 9 6.03 -22.36 28.81
C GLN A 9 4.87 -22.18 27.80
N PRO A 10 4.14 -21.08 27.92
CA PRO A 10 3.09 -20.81 26.91
C PRO A 10 3.55 -20.31 25.53
N VAL A 11 4.03 -21.26 24.69
CA VAL A 11 4.66 -20.98 23.42
C VAL A 11 4.35 -22.19 22.65
N PRO A 12 4.33 -22.08 21.33
CA PRO A 12 3.99 -23.23 20.50
C PRO A 12 4.96 -24.41 20.70
N LYS A 13 4.38 -25.60 20.58
CA LYS A 13 5.22 -26.79 20.36
C LYS A 13 5.92 -26.71 18.99
N ILE A 14 7.08 -27.36 18.84
CA ILE A 14 7.87 -27.32 17.57
C ILE A 14 7.05 -27.69 16.33
N ASN A 15 6.09 -28.59 16.50
CA ASN A 15 5.25 -28.99 15.41
C ASN A 15 3.96 -28.18 15.25
N ASP A 16 3.69 -27.19 16.12
CA ASP A 16 2.46 -26.37 16.00
C ASP A 16 2.58 -25.47 14.76
N GLU A 17 1.51 -25.42 13.98
CA GLU A 17 1.42 -24.42 12.91
C GLU A 17 -0.03 -23.85 12.85
N PHE A 18 -0.17 -22.53 12.89
CA PHE A 18 -1.50 -21.94 13.07
C PHE A 18 -1.95 -21.25 11.80
N ASN A 19 -3.28 -21.21 11.56
CA ASN A 19 -3.90 -20.51 10.49
C ASN A 19 -3.80 -19.00 10.68
N GLU A 20 -3.84 -18.27 9.57
CA GLU A 20 -3.81 -16.82 9.67
C GLU A 20 -4.89 -16.24 10.52
N SER A 21 -6.02 -16.91 10.59
CA SER A 21 -7.13 -16.40 11.39
C SER A 21 -6.87 -16.47 12.89
N VAL A 22 -5.97 -17.37 13.31
CA VAL A 22 -5.57 -17.47 14.71
C VAL A 22 -4.64 -16.35 15.15
N ASN A 23 -5.08 -15.64 16.17
CA ASN A 23 -4.28 -14.52 16.64
C ASN A 23 -4.61 -14.16 18.07
N GLU A 24 -4.12 -14.96 19.01
CA GLU A 24 -4.53 -14.88 20.42
C GLU A 24 -3.49 -15.33 21.45
N PRO A 25 -3.68 -14.98 22.74
CA PRO A 25 -2.76 -15.63 23.65
C PRO A 25 -2.97 -17.21 23.71
N PHE A 26 -1.94 -17.92 24.10
CA PHE A 26 -2.14 -19.27 24.66
C PHE A 26 -2.90 -19.28 25.96
N ILE A 27 -2.64 -18.32 26.85
CA ILE A 27 -3.32 -18.27 28.16
C ILE A 27 -3.93 -16.88 28.37
N SER A 28 -5.26 -16.83 28.47
CA SER A 28 -5.90 -15.53 28.69
C SER A 28 -6.54 -15.41 30.06
N ASP A 29 -7.16 -14.26 30.28
CA ASP A 29 -7.86 -14.00 31.55
C ASP A 29 -6.85 -14.15 32.74
N ASN A 30 -5.61 -13.75 32.52
CA ASN A 30 -4.62 -13.70 33.61
C ASN A 30 -4.89 -12.59 34.64
N LYS A 31 -4.40 -12.81 35.86
CA LYS A 31 -4.74 -11.99 37.00
C LYS A 31 -3.44 -11.57 37.73
N VAL A 32 -3.23 -10.26 37.81
CA VAL A 32 -2.07 -9.68 38.54
C VAL A 32 -2.11 -10.17 39.99
N GLU A 33 -3.30 -10.24 40.58
CA GLU A 33 -3.45 -10.72 41.96
C GLU A 33 -2.87 -12.14 42.22
N ASP A 34 -2.85 -12.97 41.20
CA ASP A 34 -2.41 -14.35 41.37
C ASP A 34 -0.94 -14.56 41.11
N VAL A 35 -0.28 -13.52 40.62
CA VAL A 35 1.13 -13.68 40.23
C VAL A 35 2.01 -13.85 41.40
N ARG A 36 2.99 -14.73 41.32
CA ARG A 36 3.91 -14.93 42.52
C ARG A 36 4.58 -13.66 43.02
N LYS A 37 4.63 -13.40 44.32
CA LYS A 37 5.23 -12.19 44.83
C LYS A 37 6.68 -12.47 45.30
N ASP A 38 7.02 -13.78 45.39
CA ASP A 38 8.35 -14.22 45.81
C ASP A 38 9.26 -14.33 44.62
N GLU A 39 10.49 -13.89 44.83
CA GLU A 39 11.54 -14.10 43.88
C GLU A 39 11.91 -15.54 43.71
N TYR A 40 12.23 -15.86 42.46
CA TYR A 40 12.59 -17.21 42.06
C TYR A 40 13.91 -17.55 42.82
N LYS A 41 14.01 -18.80 43.26
CA LYS A 41 15.18 -19.25 43.99
C LYS A 41 16.36 -19.38 43.06
N LEU A 42 17.50 -18.83 43.48
CA LEU A 42 18.81 -19.00 42.86
C LEU A 42 19.59 -20.06 43.60
N PRO A 43 20.59 -20.61 42.94
CA PRO A 43 21.43 -21.62 43.60
C PRO A 43 22.06 -21.03 44.79
N PRO A 44 22.39 -21.88 45.77
CA PRO A 44 23.10 -21.38 46.94
C PRO A 44 24.34 -20.51 46.60
N GLY A 45 24.45 -19.31 47.21
CA GLY A 45 25.58 -18.40 46.96
C GLY A 45 25.33 -17.36 45.91
N TYR A 46 24.10 -17.28 45.37
CA TYR A 46 23.80 -16.27 44.33
C TYR A 46 22.63 -15.44 44.77
N SER A 47 22.68 -14.18 44.40
CA SER A 47 21.61 -13.31 44.79
C SER A 47 21.14 -12.44 43.65
N TRP A 48 19.82 -12.16 43.63
CA TRP A 48 19.26 -11.10 42.78
C TRP A 48 19.84 -9.73 43.02
N TYR A 49 19.97 -8.93 41.97
CA TYR A 49 20.51 -7.59 42.18
C TYR A 49 19.69 -6.62 41.34
N VAL A 50 19.17 -5.53 41.87
CA VAL A 50 18.46 -4.63 40.93
C VAL A 50 19.45 -3.65 40.31
N CYS A 51 19.59 -3.68 38.99
CA CYS A 51 20.57 -2.79 38.35
C CYS A 51 19.92 -1.50 38.13
N ASP A 52 20.62 -0.43 38.51
CA ASP A 52 20.22 0.90 38.06
C ASP A 52 21.09 1.31 36.86
N VAL A 53 20.48 1.29 35.67
CA VAL A 53 21.25 1.61 34.46
C VAL A 53 21.63 3.07 34.32
N LYS A 54 20.97 3.92 35.10
CA LYS A 54 21.43 5.34 35.12
C LYS A 54 22.63 5.61 36.03
N ASP A 55 22.95 4.63 36.86
CA ASP A 55 24.11 4.70 37.72
C ASP A 55 25.32 4.25 36.90
N GLU A 56 26.29 5.12 36.71
CA GLU A 56 27.52 4.77 35.97
C GLU A 56 28.14 3.45 36.36
N LYS A 57 28.21 3.17 37.64
CA LYS A 57 28.95 1.97 38.10
C LYS A 57 28.11 0.69 37.84
N ASP A 58 26.83 0.70 38.18
CA ASP A 58 25.92 -0.44 37.82
C ASP A 58 25.91 -0.70 36.29
N ARG A 59 25.83 0.36 35.49
CA ARG A 59 25.81 0.23 34.05
C ARG A 59 27.14 -0.39 33.59
N SER A 60 28.24 0.06 34.20
N SER A 60 28.24 0.03 34.19
CA SER A 60 29.59 -0.50 33.94
CA SER A 60 29.54 -0.56 33.83
C SER A 60 29.70 -1.99 34.29
C SER A 60 29.70 -2.02 34.29
N GLU A 61 29.07 -2.41 35.37
CA GLU A 61 29.07 -3.87 35.70
C GLU A 61 28.41 -4.70 34.63
N ILE A 62 27.27 -4.22 34.11
CA ILE A 62 26.52 -4.92 33.06
C ILE A 62 27.39 -4.88 31.80
N TYR A 63 28.05 -3.73 31.57
CA TYR A 63 28.90 -3.63 30.39
C TYR A 63 30.01 -4.68 30.39
N THR A 64 30.70 -4.85 31.53
CA THR A 64 31.78 -5.83 31.65
C THR A 64 31.27 -7.28 31.44
N LEU A 65 30.10 -7.54 32.05
CA LEU A 65 29.52 -8.89 31.91
C LEU A 65 29.31 -9.21 30.43
N LEU A 66 28.67 -8.28 29.72
CA LEU A 66 28.33 -8.55 28.32
C LEU A 66 29.61 -8.59 27.46
N THR A 67 30.51 -7.65 27.71
CA THR A 67 31.79 -7.60 26.99
C THR A 67 32.53 -8.96 27.03
N ASP A 68 32.51 -9.60 28.19
CA ASP A 68 33.30 -10.81 28.36
C ASP A 68 32.50 -12.05 28.02
N ASN A 69 31.16 -11.95 28.01
CA ASN A 69 30.25 -13.13 28.02
C ASN A 69 29.04 -13.20 27.09
N TYR A 70 28.89 -12.24 26.19
CA TYR A 70 27.74 -12.14 25.33
C TYR A 70 27.99 -12.94 24.05
N VAL A 71 27.05 -12.77 23.12
CA VAL A 71 26.97 -13.49 21.83
C VAL A 71 28.26 -13.47 21.06
N GLU A 72 28.61 -14.65 20.59
CA GLU A 72 29.79 -14.85 19.79
C GLU A 72 29.39 -15.48 18.48
N ASP A 73 30.32 -15.45 17.52
CA ASP A 73 30.07 -16.12 16.26
C ASP A 73 30.38 -17.58 16.44
N ASP A 74 29.53 -18.43 15.86
CA ASP A 74 29.68 -19.87 16.06
C ASP A 74 31.03 -20.41 15.57
N ASP A 75 31.90 -19.51 15.09
CA ASP A 75 33.29 -19.86 14.89
C ASP A 75 34.21 -19.22 15.96
N ASN A 76 33.60 -18.48 16.89
CA ASN A 76 34.26 -17.89 18.09
C ASN A 76 35.40 -16.90 17.90
N ILE A 77 35.34 -16.11 16.83
CA ILE A 77 36.37 -15.07 16.61
C ILE A 77 35.90 -13.64 16.97
N PHE A 78 34.58 -13.47 17.01
CA PHE A 78 33.95 -12.18 17.30
C PHE A 78 32.95 -12.27 18.46
N ARG A 79 33.00 -11.30 19.37
CA ARG A 79 31.97 -11.20 20.41
C ARG A 79 31.26 -9.84 20.30
N PHE A 80 29.94 -9.83 20.27
CA PHE A 80 29.24 -8.56 20.42
C PHE A 80 29.79 -7.77 21.57
N ASN A 81 29.97 -6.49 21.35
CA ASN A 81 30.52 -5.59 22.35
C ASN A 81 29.75 -4.26 22.52
N TYR A 82 28.47 -4.36 22.90
CA TYR A 82 27.64 -3.20 23.09
C TYR A 82 28.30 -2.19 24.05
N SER A 83 28.30 -0.93 23.63
CA SER A 83 28.80 0.11 24.53
C SER A 83 27.97 0.39 25.75
N ALA A 84 28.63 0.84 26.82
CA ALA A 84 27.87 1.32 28.00
C ALA A 84 26.85 2.37 27.61
N GLU A 85 27.22 3.33 26.78
CA GLU A 85 26.24 4.35 26.32
CA GLU A 85 26.25 4.33 26.31
C GLU A 85 25.13 3.70 25.51
N PHE A 86 25.46 2.70 24.69
CA PHE A 86 24.38 1.98 23.99
C PHE A 86 23.39 1.29 24.99
N LEU A 87 23.94 0.66 26.01
CA LEU A 87 23.07 0.05 27.04
C LEU A 87 22.14 1.00 27.70
N LEU A 88 22.70 2.18 28.08
CA LEU A 88 21.91 3.24 28.58
C LEU A 88 20.75 3.54 27.66
N TRP A 89 21.09 3.73 26.37
CA TRP A 89 20.04 4.06 25.41
C TRP A 89 19.01 2.95 25.28
N ALA A 90 19.48 1.74 25.17
CA ALA A 90 18.64 0.60 24.92
C ALA A 90 17.67 0.28 26.08
N LEU A 91 18.03 0.66 27.31
CA LEU A 91 17.35 0.17 28.51
C LEU A 91 16.54 1.29 29.20
N THR A 92 16.71 2.52 28.74
CA THR A 92 15.99 3.70 29.33
C THR A 92 15.00 4.34 28.39
N SER A 93 14.36 3.54 27.59
CA SER A 93 13.26 3.99 26.82
C SER A 93 12.08 4.52 27.58
N PRO A 94 11.20 5.25 26.90
CA PRO A 94 10.07 5.74 27.69
C PRO A 94 9.23 4.73 28.52
N ASN A 95 8.86 5.18 29.71
CA ASN A 95 8.28 4.40 30.73
C ASN A 95 8.93 3.08 31.10
N TYR A 96 10.24 2.97 30.94
N TYR A 96 10.24 2.95 30.91
CA TYR A 96 10.94 1.77 31.39
CA TYR A 96 10.95 1.74 31.34
C TYR A 96 10.82 1.55 32.88
C TYR A 96 10.87 1.53 32.85
N LEU A 97 10.89 0.28 33.26
CA LEU A 97 10.88 -0.08 34.68
C LEU A 97 12.29 -0.50 35.11
N LYS A 98 12.89 0.18 36.09
CA LYS A 98 14.12 -0.29 36.74
C LYS A 98 14.10 -1.76 37.16
N THR A 99 12.95 -2.19 37.60
CA THR A 99 12.88 -3.54 38.13
C THR A 99 12.79 -4.63 37.09
N TRP A 100 12.79 -4.28 35.79
CA TRP A 100 12.91 -5.27 34.72
C TRP A 100 14.37 -5.26 34.28
N HIS A 101 15.27 -4.67 35.09
CA HIS A 101 16.73 -4.75 34.74
C HIS A 101 17.35 -5.55 35.85
N ILE A 102 17.48 -6.83 35.56
CA ILE A 102 17.70 -7.85 36.59
C ILE A 102 19.07 -8.47 36.49
N GLY A 103 19.82 -8.46 37.58
CA GLY A 103 21.17 -8.98 37.61
C GLY A 103 21.19 -10.10 38.64
N VAL A 104 22.25 -10.90 38.58
CA VAL A 104 22.49 -11.99 39.49
C VAL A 104 23.95 -11.86 39.86
N LYS A 105 24.24 -11.67 41.16
CA LYS A 105 25.59 -11.60 41.67
C LYS A 105 25.97 -12.89 42.38
N TYR A 106 27.27 -13.24 42.32
CA TYR A 106 27.85 -14.32 43.13
C TYR A 106 28.20 -13.68 44.44
N ASP A 107 27.63 -14.16 45.55
CA ASP A 107 27.77 -13.39 46.77
C ASP A 107 29.24 -13.17 47.23
N ALA A 108 30.02 -14.25 47.13
CA ALA A 108 31.33 -14.29 47.75
C ALA A 108 32.24 -13.27 47.07
N SER A 109 32.06 -12.96 45.79
CA SER A 109 32.90 -11.93 45.14
C SER A 109 32.18 -10.59 44.95
N ASN A 110 30.87 -10.60 45.04
CA ASN A 110 30.01 -9.45 44.77
C ASN A 110 29.99 -9.12 43.29
N LYS A 111 30.34 -10.09 42.45
CA LYS A 111 30.41 -9.82 41.03
C LYS A 111 29.15 -10.20 40.35
N LEU A 112 28.79 -9.41 39.32
CA LEU A 112 27.64 -9.69 38.48
C LEU A 112 28.03 -10.84 37.60
N ILE A 113 27.24 -11.92 37.58
CA ILE A 113 27.44 -13.08 36.73
C ILE A 113 26.23 -13.45 35.80
N GLY A 114 25.18 -12.66 35.85
CA GLY A 114 23.95 -12.95 35.13
C GLY A 114 23.17 -11.68 34.96
N PHE A 115 22.40 -11.59 33.90
CA PHE A 115 21.65 -10.43 33.56
C PHE A 115 20.55 -10.76 32.61
N ILE A 116 19.45 -10.00 32.71
CA ILE A 116 18.34 -10.14 31.72
C ILE A 116 17.61 -8.82 31.82
N SER A 117 17.05 -8.35 30.72
CA SER A 117 16.30 -7.10 30.75
C SER A 117 15.07 -7.14 29.90
N ALA A 118 14.15 -6.22 30.14
CA ALA A 118 12.90 -6.04 29.34
C ALA A 118 12.52 -4.54 29.38
N ILE A 119 12.02 -3.99 28.25
CA ILE A 119 11.42 -2.67 28.21
C ILE A 119 9.97 -2.85 27.74
N PRO A 120 9.06 -1.96 28.12
CA PRO A 120 7.71 -2.05 27.62
C PRO A 120 7.59 -1.46 26.20
N THR A 121 6.82 -2.11 25.30
CA THR A 121 6.63 -1.67 23.86
C THR A 121 5.23 -2.11 23.47
N ASP A 122 4.57 -1.28 22.74
CA ASP A 122 3.30 -1.67 22.14
C ASP A 122 3.55 -2.40 20.83
N ILE A 123 3.12 -3.68 20.74
CA ILE A 123 3.46 -4.49 19.55
C ILE A 123 2.20 -4.90 18.81
N CYS A 124 2.19 -4.63 17.52
CA CYS A 124 1.13 -5.01 16.66
C CYS A 124 1.51 -6.24 15.87
N ILE A 125 0.80 -7.31 16.15
CA ILE A 125 0.92 -8.63 15.52
C ILE A 125 -0.38 -8.92 14.87
N HIS A 126 -0.33 -9.02 13.54
CA HIS A 126 -1.49 -9.35 12.73
C HIS A 126 -2.59 -8.42 13.12
N LYS A 127 -2.25 -7.11 13.27
CA LYS A 127 -3.25 -6.04 13.34
C LYS A 127 -3.96 -6.05 14.70
N ARG A 128 -3.34 -6.64 15.70
CA ARG A 128 -3.76 -6.53 17.09
C ARG A 128 -2.61 -5.89 17.84
N THR A 129 -2.90 -4.81 18.58
CA THR A 129 -1.84 -4.07 19.23
C THR A 129 -1.89 -4.48 20.66
N ILE A 130 -0.77 -5.02 21.15
CA ILE A 130 -0.70 -5.67 22.49
C ILE A 130 0.39 -4.98 23.32
N LYS A 131 0.11 -4.62 24.59
CA LYS A 131 1.27 -4.25 25.43
C LYS A 131 2.18 -5.46 25.70
N MET A 132 3.44 -5.33 25.35
CA MET A 132 4.39 -6.43 25.50
C MET A 132 5.63 -5.91 26.18
N ALA A 133 6.47 -6.89 26.58
CA ALA A 133 7.85 -6.67 26.97
C ALA A 133 8.76 -7.14 25.87
N GLU A 134 9.73 -6.29 25.63
CA GLU A 134 10.76 -6.60 24.70
C GLU A 134 12.00 -7.06 25.50
N VAL A 135 12.29 -8.33 25.42
CA VAL A 135 13.34 -8.89 26.31
C VAL A 135 14.63 -8.93 25.58
N ASN A 136 15.74 -8.69 26.28
CA ASN A 136 17.07 -8.66 25.64
C ASN A 136 18.19 -8.81 26.63
N PHE A 137 19.38 -9.04 26.10
CA PHE A 137 20.61 -8.97 26.88
C PHE A 137 20.64 -10.02 27.98
N LEU A 138 19.93 -11.14 27.76
CA LEU A 138 20.03 -12.33 28.59
C LEU A 138 21.48 -12.81 28.51
N CYS A 139 22.15 -12.93 29.65
CA CYS A 139 23.57 -13.30 29.63
C CYS A 139 23.92 -14.01 30.93
N VAL A 140 24.50 -15.21 30.80
CA VAL A 140 25.13 -15.92 31.95
C VAL A 140 26.66 -16.04 31.73
N HIS A 141 27.44 -15.80 32.77
CA HIS A 141 28.92 -15.87 32.71
C HIS A 141 29.34 -17.15 32.07
N LYS A 142 30.36 -17.10 31.24
CA LYS A 142 30.83 -18.28 30.55
C LYS A 142 31.23 -19.38 31.53
N THR A 143 31.64 -19.03 32.74
CA THR A 143 32.03 -20.08 33.75
C THR A 143 30.86 -20.82 34.30
N LEU A 144 29.67 -20.35 33.99
CA LEU A 144 28.47 -20.87 34.64
C LEU A 144 27.43 -21.41 33.72
N ARG A 145 27.86 -21.87 32.56
CA ARG A 145 26.91 -22.24 31.52
C ARG A 145 26.40 -23.62 31.70
N SER A 146 25.18 -23.82 31.19
CA SER A 146 24.51 -25.10 31.16
C SER A 146 24.16 -25.56 32.57
N LYS A 147 23.96 -24.61 33.46
CA LYS A 147 23.59 -24.94 34.87
C LYS A 147 22.10 -24.68 35.14
N ARG A 148 21.37 -24.44 34.08
CA ARG A 148 19.93 -24.12 34.18
C ARG A 148 19.69 -22.79 34.90
N LEU A 149 20.65 -21.88 34.80
CA LEU A 149 20.41 -20.52 35.28
C LEU A 149 19.54 -19.67 34.34
N ALA A 150 19.54 -19.91 33.01
CA ALA A 150 18.78 -19.02 32.12
C ALA A 150 17.31 -19.17 32.45
N PRO A 151 16.78 -20.44 32.59
CA PRO A 151 15.35 -20.48 32.95
C PRO A 151 14.96 -19.74 34.24
N VAL A 152 15.87 -19.64 35.18
CA VAL A 152 15.58 -18.84 36.42
C VAL A 152 15.45 -17.35 36.11
N LEU A 153 16.35 -16.86 35.24
CA LEU A 153 16.36 -15.48 34.83
C LEU A 153 15.10 -15.19 34.02
N ILE A 154 14.74 -16.16 33.18
CA ILE A 154 13.55 -16.05 32.39
C ILE A 154 12.27 -16.08 33.22
N LYS A 155 12.14 -17.02 34.17
CA LYS A 155 10.92 -17.14 34.90
C LYS A 155 10.82 -15.88 35.78
N GLU A 156 11.94 -15.49 36.29
CA GLU A 156 11.97 -14.26 37.18
C GLU A 156 11.59 -12.96 36.45
N ILE A 157 12.02 -12.73 35.21
CA ILE A 157 11.54 -11.55 34.53
C ILE A 157 10.05 -11.69 34.12
N THR A 158 9.63 -12.91 33.76
CA THR A 158 8.26 -13.12 33.41
C THR A 158 7.40 -12.69 34.57
N ARG A 159 7.78 -13.10 35.78
CA ARG A 159 6.99 -12.83 36.95
C ARG A 159 6.94 -11.31 37.15
N ARG A 160 8.10 -10.64 37.03
CA ARG A 160 8.13 -9.15 37.19
C ARG A 160 7.28 -8.37 36.14
N ILE A 161 7.27 -8.88 34.90
CA ILE A 161 6.45 -8.36 33.81
C ILE A 161 4.99 -8.58 34.13
N ASN A 162 4.62 -9.79 34.58
CA ASN A 162 3.27 -10.14 34.86
C ASN A 162 2.71 -9.23 35.98
N LEU A 163 3.59 -8.76 36.86
CA LEU A 163 3.19 -7.93 38.00
C LEU A 163 2.68 -6.56 37.47
N GLU A 164 3.08 -6.22 36.25
CA GLU A 164 2.66 -5.02 35.54
C GLU A 164 1.47 -5.28 34.61
N ASN A 165 0.89 -6.49 34.75
CA ASN A 165 -0.30 -6.84 33.98
C ASN A 165 0.04 -6.87 32.49
N ILE A 166 1.28 -7.24 32.22
CA ILE A 166 1.66 -7.54 30.86
C ILE A 166 1.81 -9.05 30.75
N TRP A 167 1.24 -9.69 29.72
CA TRP A 167 1.28 -11.19 29.59
C TRP A 167 1.92 -11.70 28.34
N GLN A 168 2.53 -10.80 27.59
CA GLN A 168 3.16 -11.20 26.34
C GLN A 168 4.54 -10.55 26.20
N ALA A 169 5.43 -11.13 25.41
CA ALA A 169 6.69 -10.50 25.19
C ALA A 169 7.10 -10.78 23.78
N ILE A 170 8.04 -9.97 23.32
CA ILE A 170 8.77 -10.24 22.06
C ILE A 170 10.28 -10.36 22.34
N TYR A 171 10.97 -11.21 21.60
CA TYR A 171 12.40 -11.52 21.75
C TYR A 171 13.01 -12.10 20.48
N THR A 172 14.32 -11.95 20.29
CA THR A 172 14.95 -12.56 19.13
C THR A 172 16.14 -13.40 19.61
N ALA A 173 16.45 -14.47 18.88
CA ALA A 173 17.68 -15.17 19.17
C ALA A 173 18.15 -15.83 17.85
N GLY A 174 19.43 -16.17 17.82
CA GLY A 174 19.96 -16.93 16.73
C GLY A 174 19.73 -18.41 16.88
N VAL A 175 19.62 -18.87 18.14
CA VAL A 175 19.32 -20.32 18.36
C VAL A 175 17.83 -20.56 18.08
N TYR A 176 17.55 -21.75 17.56
CA TYR A 176 16.19 -22.11 17.22
C TYR A 176 15.57 -22.63 18.53
N LEU A 177 14.32 -22.24 18.79
CA LEU A 177 13.62 -22.49 20.05
C LEU A 177 12.12 -22.55 19.68
N PRO A 178 11.30 -23.18 20.51
CA PRO A 178 9.84 -23.22 20.25
C PRO A 178 9.28 -21.83 20.46
N LYS A 179 8.75 -21.20 19.40
CA LYS A 179 8.90 -21.61 17.98
C LYS A 179 8.85 -20.25 17.25
N PRO A 180 9.71 -20.05 16.23
CA PRO A 180 9.73 -18.71 15.60
C PRO A 180 8.45 -18.30 14.86
N VAL A 181 8.09 -17.01 14.96
CA VAL A 181 7.00 -16.46 14.13
C VAL A 181 7.54 -16.03 12.74
N SER A 182 8.80 -15.69 12.74
CA SER A 182 9.54 -15.44 11.52
C SER A 182 11.01 -15.72 11.75
N ASP A 183 11.76 -15.91 10.66
CA ASP A 183 13.20 -16.25 10.69
C ASP A 183 13.83 -15.33 9.65
N ALA A 184 14.79 -14.47 10.05
CA ALA A 184 15.39 -13.56 9.06
C ALA A 184 16.92 -13.74 9.02
N ARG A 185 17.43 -14.10 7.83
CA ARG A 185 18.86 -14.11 7.61
C ARG A 185 19.51 -12.70 7.67
N TYR A 186 20.78 -12.66 8.04
CA TYR A 186 21.55 -11.46 8.00
C TYR A 186 22.47 -11.46 6.85
N TYR A 187 22.64 -10.23 6.32
CA TYR A 187 23.55 -9.92 5.19
C TYR A 187 24.50 -8.75 5.58
N HIS A 188 25.68 -8.71 4.96
CA HIS A 188 26.77 -7.80 5.37
C HIS A 188 27.15 -7.12 4.14
N ARG A 189 27.43 -5.81 4.26
CA ARG A 189 27.89 -5.01 3.08
C ARG A 189 29.21 -4.46 3.52
N SER A 190 30.25 -4.98 2.88
CA SER A 190 31.63 -4.59 3.25
C SER A 190 31.82 -3.09 2.95
N ILE A 191 32.40 -2.37 3.91
CA ILE A 191 32.86 -0.99 3.69
C ILE A 191 34.40 -0.92 3.69
N ASN A 192 35.00 -1.43 4.76
CA ASN A 192 36.48 -1.48 4.83
CA ASN A 192 36.45 -1.48 4.85
C ASN A 192 36.94 -2.88 4.49
N VAL A 193 37.07 -3.14 3.18
CA VAL A 193 37.23 -4.46 2.62
CA VAL A 193 37.15 -4.55 2.84
C VAL A 193 38.48 -5.18 3.17
N LYS A 194 39.57 -4.44 3.09
CA LYS A 194 40.87 -4.95 3.50
C LYS A 194 40.85 -5.33 4.96
N LYS A 195 40.27 -4.48 5.83
CA LYS A 195 40.20 -4.85 7.22
C LYS A 195 39.36 -6.14 7.39
N LEU A 196 38.20 -6.15 6.72
CA LEU A 196 37.36 -7.32 6.78
C LEU A 196 38.05 -8.62 6.34
N ILE A 197 38.89 -8.50 5.30
N ILE A 197 38.87 -8.58 5.32
CA ILE A 197 39.64 -9.61 4.73
CA ILE A 197 39.51 -9.82 4.92
C ILE A 197 40.71 -10.10 5.72
C ILE A 197 40.63 -10.16 5.94
N GLU A 198 41.37 -9.15 6.37
CA GLU A 198 42.47 -9.36 7.29
C GLU A 198 42.10 -10.03 8.62
N ILE A 199 40.90 -9.71 9.09
CA ILE A 199 40.37 -10.23 10.37
C ILE A 199 39.51 -11.48 10.10
N GLY A 200 39.44 -11.91 8.83
CA GLY A 200 38.69 -13.13 8.46
C GLY A 200 37.16 -12.96 8.57
N PHE A 201 36.68 -11.75 8.43
CA PHE A 201 35.25 -11.59 8.25
C PHE A 201 34.89 -11.94 6.78
N SER A 202 35.61 -11.42 5.79
CA SER A 202 35.35 -11.72 4.35
C SER A 202 36.51 -12.49 3.71
N SER A 203 36.28 -12.93 2.46
CA SER A 203 37.24 -13.74 1.70
C SER A 203 37.59 -13.25 0.28
N LEU A 204 38.85 -13.46 -0.11
CA LEU A 204 39.35 -13.39 -1.49
C LEU A 204 39.38 -14.78 -2.14
N ASN A 205 39.16 -14.81 -3.45
CA ASN A 205 39.31 -16.02 -4.30
C ASN A 205 40.00 -15.56 -5.59
N SER A 206 40.65 -16.47 -6.34
CA SER A 206 41.59 -16.04 -7.42
C SER A 206 41.11 -14.91 -8.36
N ARG A 207 39.85 -14.96 -8.79
CA ARG A 207 39.25 -13.86 -9.59
C ARG A 207 39.13 -12.53 -8.84
N LEU A 208 38.80 -12.61 -7.54
CA LEU A 208 38.75 -11.44 -6.63
C LEU A 208 40.08 -11.37 -5.86
N THR A 209 41.06 -10.73 -6.49
CA THR A 209 42.27 -10.24 -5.86
C THR A 209 42.00 -9.09 -4.86
N MET A 210 42.95 -8.81 -3.99
CA MET A 210 42.76 -7.70 -3.04
C MET A 210 42.31 -6.42 -3.72
N SER A 211 43.00 -6.01 -4.77
CA SER A 211 42.69 -4.74 -5.35
C SER A 211 41.27 -4.80 -6.00
N ARG A 212 40.87 -5.96 -6.54
CA ARG A 212 39.54 -6.09 -7.20
C ARG A 212 38.46 -6.07 -6.13
N ALA A 213 38.71 -6.71 -4.99
CA ALA A 213 37.74 -6.67 -3.86
C ALA A 213 37.59 -5.21 -3.41
N ILE A 214 38.69 -4.53 -3.26
CA ILE A 214 38.57 -3.11 -2.88
C ILE A 214 37.78 -2.30 -3.93
N LYS A 215 37.99 -2.54 -5.23
CA LYS A 215 37.28 -1.75 -6.23
CA LYS A 215 37.30 -1.76 -6.25
C LYS A 215 35.81 -2.12 -6.26
N LEU A 216 35.49 -3.39 -6.07
CA LEU A 216 34.14 -3.89 -5.98
C LEU A 216 33.29 -3.13 -5.01
N TYR A 217 33.85 -2.78 -3.85
CA TYR A 217 33.06 -2.24 -2.77
C TYR A 217 33.14 -0.77 -2.63
N ARG A 218 33.96 -0.14 -3.46
CA ARG A 218 34.19 1.27 -3.36
C ARG A 218 32.86 2.06 -3.64
N VAL A 219 32.66 3.16 -2.92
CA VAL A 219 31.44 3.93 -3.13
C VAL A 219 31.72 5.39 -3.45
N GLU A 220 30.79 6.03 -4.15
CA GLU A 220 30.95 7.42 -4.50
C GLU A 220 30.51 8.18 -3.27
N ASP A 221 31.29 9.18 -2.91
CA ASP A 221 31.01 10.00 -1.75
C ASP A 221 30.00 11.12 -2.00
N THR A 222 28.91 10.76 -2.63
CA THR A 222 27.83 11.71 -2.97
C THR A 222 26.52 11.01 -2.78
N LEU A 223 25.70 11.60 -1.96
CA LEU A 223 24.35 11.14 -1.64
C LEU A 223 23.44 11.26 -2.82
N ASN A 224 22.62 10.27 -3.01
CA ASN A 224 21.48 10.38 -3.90
C ASN A 224 20.46 11.35 -3.46
N ILE A 225 20.26 11.46 -2.15
CA ILE A 225 19.30 12.40 -1.54
C ILE A 225 20.18 13.42 -0.86
N LYS A 226 20.46 14.50 -1.58
CA LYS A 226 21.50 15.48 -1.20
CA LYS A 226 21.50 15.47 -1.19
C LYS A 226 21.26 16.12 0.17
N ASN A 227 20.00 16.31 0.57
CA ASN A 227 19.70 17.04 1.80
C ASN A 227 19.55 16.15 3.07
N MET A 228 19.89 14.89 2.92
CA MET A 228 19.90 13.94 4.09
C MET A 228 20.81 14.46 5.16
N ARG A 229 20.21 14.68 6.35
CA ARG A 229 20.90 15.31 7.43
C ARG A 229 20.59 14.67 8.76
N LEU A 230 21.50 14.78 9.74
CA LEU A 230 21.17 14.29 11.10
C LEU A 230 19.84 14.85 11.61
N MET A 231 19.01 13.97 12.21
CA MET A 231 17.74 14.31 12.70
C MET A 231 17.98 15.22 13.87
N LYS A 232 17.03 16.11 14.12
CA LYS A 232 17.02 16.93 15.33
C LYS A 232 15.65 16.89 15.96
N LYS A 233 15.54 17.46 17.14
CA LYS A 233 14.30 17.43 17.92
C LYS A 233 13.13 17.95 17.11
N LYS A 234 13.38 18.99 16.29
CA LYS A 234 12.25 19.58 15.52
C LYS A 234 11.60 18.60 14.53
N ASP A 235 12.33 17.53 14.28
CA ASP A 235 11.98 16.48 13.27
C ASP A 235 11.06 15.32 13.78
N VAL A 236 10.85 15.26 15.08
CA VAL A 236 10.25 14.09 15.67
C VAL A 236 8.82 13.87 15.21
N GLU A 237 8.03 14.93 15.18
CA GLU A 237 6.63 14.77 14.70
C GLU A 237 6.64 14.25 13.26
N GLY A 238 7.52 14.79 12.42
CA GLY A 238 7.56 14.34 11.03
C GLY A 238 8.03 12.90 10.88
N VAL A 239 9.01 12.45 11.68
CA VAL A 239 9.49 11.05 11.61
C VAL A 239 8.32 10.17 12.13
N HIS A 240 7.67 10.61 13.19
CA HIS A 240 6.56 9.87 13.80
C HIS A 240 5.53 9.56 12.76
N LYS A 241 5.25 10.52 11.89
CA LYS A 241 4.20 10.32 10.89
C LYS A 241 4.71 9.49 9.73
N LEU A 242 5.96 9.78 9.29
CA LEU A 242 6.58 8.99 8.19
C LEU A 242 6.74 7.52 8.56
N LEU A 243 7.47 7.26 9.64
CA LEU A 243 7.73 5.88 10.03
C LEU A 243 6.44 5.21 10.45
N GLY A 244 5.64 5.94 11.21
CA GLY A 244 4.41 5.35 11.73
C GLY A 244 3.53 4.89 10.58
N SER A 245 3.39 5.72 9.56
CA SER A 245 2.53 5.36 8.41
C SER A 245 3.13 4.19 7.65
N TYR A 246 4.45 4.21 7.54
CA TYR A 246 5.08 3.14 6.82
C TYR A 246 4.91 1.78 7.51
N LEU A 247 5.01 1.76 8.84
CA LEU A 247 5.12 0.48 9.58
C LEU A 247 3.74 -0.19 9.53
N GLU A 248 2.68 0.54 9.29
CA GLU A 248 1.33 -0.12 9.40
C GLU A 248 1.12 -1.27 8.39
N GLN A 249 1.88 -1.28 7.32
CA GLN A 249 1.77 -2.35 6.34
C GLN A 249 2.24 -3.74 6.83
N PHE A 250 2.92 -3.85 7.94
CA PHE A 250 3.58 -5.13 8.29
C PHE A 250 2.79 -5.94 9.28
N ASN A 251 3.13 -7.23 9.28
CA ASN A 251 2.55 -8.19 10.20
C ASN A 251 3.03 -8.12 11.62
N LEU A 252 4.15 -7.48 11.82
CA LEU A 252 4.69 -7.37 13.18
C LEU A 252 5.43 -6.07 13.30
N TYR A 253 5.00 -5.11 14.15
CA TYR A 253 5.81 -3.88 14.24
C TYR A 253 5.50 -3.23 15.54
N ALA A 254 6.36 -2.29 15.89
CA ALA A 254 6.18 -1.55 17.15
C ALA A 254 5.33 -0.32 16.86
N VAL A 255 4.33 -0.04 17.70
CA VAL A 255 3.58 1.15 17.58
C VAL A 255 4.23 2.27 18.44
N PHE A 256 4.96 3.17 17.82
CA PHE A 256 5.70 4.21 18.61
C PHE A 256 4.86 5.46 18.84
N THR A 257 4.87 5.95 20.10
CA THR A 257 4.42 7.32 20.45
C THR A 257 5.57 8.28 20.08
N LYS A 258 5.26 9.58 20.08
CA LYS A 258 6.21 10.64 19.76
C LYS A 258 7.43 10.57 20.67
N GLU A 259 7.14 10.32 21.95
CA GLU A 259 8.19 10.20 22.93
CA GLU A 259 8.17 10.12 23.01
C GLU A 259 9.12 9.03 22.60
N GLU A 260 8.54 7.91 22.12
CA GLU A 260 9.30 6.80 21.63
C GLU A 260 10.12 7.12 20.38
N ILE A 261 9.53 7.81 19.40
CA ILE A 261 10.34 8.24 18.26
C ILE A 261 11.53 9.11 18.65
N ALA A 262 11.28 10.08 19.55
CA ALA A 262 12.40 10.91 20.02
C ALA A 262 13.50 10.05 20.65
N HIS A 263 13.10 9.05 21.44
CA HIS A 263 14.14 8.30 22.08
C HIS A 263 14.93 7.43 21.12
N TRP A 264 14.15 6.69 20.35
CA TRP A 264 14.69 5.70 19.40
C TRP A 264 15.53 6.28 18.25
N PHE A 265 15.30 7.54 17.95
CA PHE A 265 15.87 8.05 16.71
C PHE A 265 16.74 9.28 16.84
N LEU A 266 16.54 10.08 17.88
CA LEU A 266 17.39 11.27 18.05
C LEU A 266 18.88 10.83 18.13
N PRO A 267 19.70 11.37 17.29
CA PRO A 267 21.05 10.83 17.20
C PRO A 267 21.91 10.89 18.45
N ILE A 268 22.55 9.78 18.77
CA ILE A 268 23.65 9.77 19.80
C ILE A 268 24.90 9.17 19.17
N GLU A 269 26.01 9.97 19.21
CA GLU A 269 27.32 9.53 18.66
C GLU A 269 27.69 8.12 19.19
N ASN A 270 28.05 7.23 18.28
CA ASN A 270 28.48 5.87 18.58
C ASN A 270 27.42 5.02 19.18
N VAL A 271 26.17 5.39 18.92
CA VAL A 271 25.07 4.55 19.38
C VAL A 271 23.97 4.53 18.29
N ILE A 272 23.39 5.66 17.92
CA ILE A 272 22.24 5.68 17.01
C ILE A 272 22.32 6.87 16.03
N TYR A 273 22.27 6.57 14.75
CA TYR A 273 22.43 7.64 13.74
C TYR A 273 21.04 7.67 12.99
N THR A 274 20.35 8.81 12.98
CA THR A 274 19.19 8.96 12.10
C THR A 274 19.39 10.17 11.17
N TYR A 275 19.22 9.92 9.89
CA TYR A 275 19.24 11.00 8.91
C TYR A 275 17.85 11.23 8.30
N VAL A 276 17.52 12.50 8.07
CA VAL A 276 16.24 12.83 7.48
C VAL A 276 16.36 13.73 6.26
N ASN A 277 15.35 13.67 5.40
CA ASN A 277 15.21 14.59 4.31
C ASN A 277 13.96 15.36 4.49
N GLU A 278 14.10 16.70 4.69
CA GLU A 278 12.94 17.61 4.96
C GLU A 278 12.71 18.38 3.66
N GLU A 279 11.49 18.36 3.14
CA GLU A 279 11.08 19.14 1.97
C GLU A 279 9.78 19.84 2.28
N ASN A 280 9.72 21.16 2.12
CA ASN A 280 8.54 21.94 2.58
C ASN A 280 8.06 21.64 4.01
N GLY A 281 8.97 21.59 4.97
CA GLY A 281 8.59 21.33 6.36
C GLY A 281 8.05 19.95 6.71
N LYS A 282 8.04 19.05 5.72
CA LYS A 282 7.72 17.62 5.91
C LYS A 282 8.96 16.71 5.84
N ILE A 283 8.98 15.67 6.68
CA ILE A 283 10.00 14.68 6.61
C ILE A 283 9.58 13.57 5.63
N LYS A 284 10.30 13.49 4.51
CA LYS A 284 9.89 12.61 3.39
C LYS A 284 10.72 11.37 3.25
N ASP A 285 11.93 11.36 3.81
CA ASP A 285 12.76 10.17 3.80
C ASP A 285 13.58 10.13 5.06
N MET A 286 13.79 8.91 5.52
CA MET A 286 14.67 8.67 6.61
C MET A 286 15.57 7.42 6.50
N ILE A 287 16.69 7.52 7.17
CA ILE A 287 17.68 6.47 7.24
C ILE A 287 18.12 6.37 8.67
N SER A 288 18.29 5.15 9.21
CA SER A 288 18.79 5.03 10.59
C SER A 288 19.46 3.71 10.75
N PHE A 289 20.49 3.78 11.58
CA PHE A 289 21.30 2.60 11.89
C PHE A 289 21.91 2.80 13.25
N TYR A 290 22.19 1.67 13.89
CA TYR A 290 22.86 1.71 15.20
C TYR A 290 24.22 1.08 15.23
N SER A 291 25.04 1.47 16.20
CA SER A 291 26.38 1.00 16.30
C SER A 291 26.49 -0.19 17.22
N LEU A 292 26.88 -1.32 16.68
CA LEU A 292 27.17 -2.48 17.54
C LEU A 292 28.52 -3.07 17.17
N PRO A 293 29.63 -2.63 17.85
CA PRO A 293 31.00 -3.25 17.64
C PRO A 293 31.10 -4.71 18.03
N SER A 294 31.91 -5.46 17.28
CA SER A 294 32.32 -6.78 17.77
C SER A 294 33.77 -6.70 18.21
N GLN A 295 34.02 -7.16 19.43
CA GLN A 295 35.37 -7.35 19.85
C GLN A 295 35.96 -8.46 18.98
N ILE A 296 37.14 -8.17 18.43
CA ILE A 296 37.95 -9.17 17.70
C ILE A 296 38.79 -10.02 18.65
N LEU A 297 38.48 -11.30 18.67
CA LEU A 297 39.12 -12.26 19.58
C LEU A 297 40.53 -12.63 19.08
N GLY A 298 41.53 -12.04 19.73
CA GLY A 298 42.96 -12.40 19.61
C GLY A 298 43.76 -11.95 18.39
N ASN A 299 43.41 -10.78 17.82
CA ASN A 299 44.08 -10.24 16.59
C ASN A 299 45.16 -9.24 16.94
N ASP A 300 46.38 -9.54 16.51
CA ASP A 300 47.53 -8.69 16.81
C ASP A 300 47.54 -7.32 16.14
N LYS A 301 46.48 -7.00 15.38
CA LYS A 301 46.42 -5.73 14.67
C LYS A 301 45.11 -4.95 14.93
N TYR A 302 44.00 -5.67 14.97
CA TYR A 302 42.69 -5.02 15.19
C TYR A 302 42.02 -5.61 16.42
N SER A 303 41.54 -4.73 17.32
CA SER A 303 40.75 -5.13 18.49
C SER A 303 39.24 -4.99 18.31
N THR A 304 38.82 -4.18 17.34
CA THR A 304 37.38 -3.84 17.19
C THR A 304 36.93 -3.85 15.74
N LEU A 305 35.80 -4.53 15.48
CA LEU A 305 35.02 -4.36 14.26
C LEU A 305 33.96 -3.29 14.51
N ASN A 306 34.05 -2.18 13.79
CA ASN A 306 33.03 -1.10 13.79
C ASN A 306 31.90 -1.48 12.82
N ALA A 307 30.73 -1.81 13.34
CA ALA A 307 29.69 -2.26 12.50
C ALA A 307 28.47 -1.43 12.71
N ALA A 308 27.83 -1.09 11.61
CA ALA A 308 26.54 -0.39 11.61
C ALA A 308 25.46 -1.44 11.30
N TYR A 309 24.37 -1.45 12.06
CA TYR A 309 23.24 -2.25 11.81
C TYR A 309 22.04 -1.46 11.39
N SER A 310 21.48 -1.83 10.25
CA SER A 310 20.32 -1.20 9.67
C SER A 310 19.17 -1.24 10.64
N PHE A 311 18.52 -0.09 10.88
CA PHE A 311 17.44 0.05 11.87
C PHE A 311 16.08 0.29 11.14
N TYR A 312 15.65 1.53 10.95
CA TYR A 312 14.45 1.84 10.14
C TYR A 312 14.75 2.83 9.03
N ASN A 313 14.33 2.49 7.81
CA ASN A 313 14.64 3.24 6.57
C ASN A 313 13.35 3.36 5.77
N VAL A 314 12.96 4.60 5.44
CA VAL A 314 11.73 4.88 4.68
C VAL A 314 12.11 5.87 3.55
N THR A 315 11.68 5.58 2.32
CA THR A 315 11.74 6.58 1.26
C THR A 315 10.36 6.89 0.58
N THR A 316 10.07 8.16 0.36
CA THR A 316 8.96 8.60 -0.55
C THR A 316 9.46 9.44 -1.76
N THR A 317 10.74 9.76 -1.79
CA THR A 317 11.27 10.61 -2.90
C THR A 317 12.31 9.91 -3.74
N ALA A 318 12.70 8.73 -3.33
CA ALA A 318 13.72 8.00 -4.06
C ALA A 318 13.36 6.53 -4.13
N THR A 319 14.19 5.72 -4.77
CA THR A 319 13.87 4.27 -4.76
C THR A 319 14.50 3.71 -3.46
N PHE A 320 14.03 2.53 -3.08
CA PHE A 320 14.54 1.98 -1.83
C PHE A 320 16.02 1.69 -1.96
N LYS A 321 16.41 1.27 -3.16
CA LYS A 321 17.78 1.03 -3.48
C LYS A 321 18.65 2.26 -3.36
N GLN A 322 18.12 3.38 -3.82
CA GLN A 322 18.86 4.61 -3.70
C GLN A 322 19.02 5.00 -2.22
N LEU A 323 17.95 4.78 -1.39
CA LEU A 323 17.92 5.17 0.03
C LEU A 323 19.02 4.36 0.74
N MET A 324 19.10 3.07 0.41
CA MET A 324 19.98 2.16 1.13
C MET A 324 21.39 2.34 0.69
N GLN A 325 21.55 2.76 -0.57
CA GLN A 325 22.85 3.20 -0.99
C GLN A 325 23.36 4.41 -0.18
N ASP A 326 22.52 5.40 0.07
CA ASP A 326 22.84 6.52 0.96
C ASP A 326 23.11 6.05 2.39
N ALA A 327 22.43 4.99 2.81
CA ALA A 327 22.58 4.51 4.16
C ALA A 327 24.00 3.92 4.34
N ILE A 328 24.43 3.16 3.33
CA ILE A 328 25.75 2.63 3.27
C ILE A 328 26.76 3.74 3.27
N LEU A 329 26.48 4.73 2.42
CA LEU A 329 27.41 5.87 2.34
C LEU A 329 27.52 6.60 3.71
N LEU A 330 26.39 6.81 4.38
CA LEU A 330 26.40 7.53 5.68
C LEU A 330 27.15 6.71 6.77
N ALA A 331 27.02 5.41 6.65
CA ALA A 331 27.74 4.54 7.56
C ALA A 331 29.26 4.61 7.25
N LYS A 332 29.65 4.62 6.00
CA LYS A 332 31.04 4.85 5.64
C LYS A 332 31.66 6.16 6.18
N ARG A 333 30.88 7.26 6.07
CA ARG A 333 31.25 8.58 6.53
C ARG A 333 31.45 8.64 8.02
N ASN A 334 30.80 7.72 8.78
CA ASN A 334 30.92 7.65 10.21
C ASN A 334 31.85 6.50 10.66
N ASN A 335 32.75 6.09 9.76
N ASN A 335 32.71 6.08 9.73
CA ASN A 335 33.90 5.25 10.07
CA ASN A 335 33.86 5.25 9.98
C ASN A 335 33.56 3.77 10.35
C ASN A 335 33.56 3.79 10.34
N PHE A 336 32.41 3.31 9.85
CA PHE A 336 31.99 1.89 10.03
C PHE A 336 32.67 1.02 9.03
N ASP A 337 32.98 -0.24 9.43
CA ASP A 337 33.70 -1.17 8.54
C ASP A 337 32.79 -1.99 7.72
N VAL A 338 31.56 -2.16 8.21
CA VAL A 338 30.57 -3.03 7.59
C VAL A 338 29.18 -2.52 7.91
N PHE A 339 28.27 -2.83 7.06
CA PHE A 339 26.87 -2.46 7.20
C PHE A 339 26.06 -3.72 7.17
N ASN A 340 25.48 -4.10 8.32
CA ASN A 340 24.65 -5.32 8.40
C ASN A 340 23.18 -5.01 8.30
N ALA A 341 22.45 -5.95 7.71
CA ALA A 341 21.01 -5.82 7.68
C ALA A 341 20.27 -7.17 7.68
N LEU A 342 19.08 -7.23 8.25
CA LEU A 342 18.26 -8.47 8.19
C LEU A 342 17.31 -8.47 6.97
N GLU A 343 16.92 -9.64 6.43
CA GLU A 343 15.95 -9.66 5.33
C GLU A 343 14.51 -9.38 5.76
N VAL A 344 14.35 -8.24 6.45
CA VAL A 344 13.10 -7.78 6.95
C VAL A 344 12.66 -6.54 6.18
N MET A 345 11.39 -6.23 6.29
CA MET A 345 10.79 -5.07 5.57
C MET A 345 11.12 -5.17 4.08
N GLN A 346 11.59 -4.08 3.44
CA GLN A 346 11.95 -4.23 1.99
C GLN A 346 13.43 -4.53 1.70
N ASN A 347 14.19 -4.96 2.70
CA ASN A 347 15.64 -5.04 2.59
C ASN A 347 16.16 -5.99 1.60
N LYS A 348 15.55 -7.19 1.51
CA LYS A 348 16.12 -8.26 0.66
C LYS A 348 16.22 -7.80 -0.76
N SER A 349 15.22 -6.99 -1.16
CA SER A 349 15.09 -6.43 -2.51
C SER A 349 16.31 -5.72 -3.01
N VAL A 350 17.17 -5.27 -2.11
CA VAL A 350 18.33 -4.44 -2.54
C VAL A 350 19.67 -5.13 -2.32
N PHE A 351 19.70 -6.24 -1.59
CA PHE A 351 20.95 -6.84 -1.17
C PHE A 351 21.93 -7.18 -2.37
N GLU A 352 21.37 -7.74 -3.45
CA GLU A 352 22.17 -8.17 -4.59
CA GLU A 352 22.16 -8.17 -4.60
C GLU A 352 22.74 -6.96 -5.31
N ASP A 353 21.86 -6.02 -5.68
CA ASP A 353 22.31 -4.78 -6.31
C ASP A 353 23.34 -3.98 -5.50
N LEU A 354 23.17 -3.93 -4.18
CA LEU A 354 24.04 -3.15 -3.35
C LEU A 354 25.26 -3.97 -2.85
N LYS A 355 25.46 -5.18 -3.38
CA LYS A 355 26.66 -5.99 -3.08
C LYS A 355 26.68 -6.50 -1.61
N PHE A 356 25.53 -6.81 -1.06
CA PHE A 356 25.46 -7.44 0.28
C PHE A 356 25.94 -8.91 0.04
N GLY A 357 26.64 -9.48 1.00
CA GLY A 357 26.81 -10.97 0.96
C GLY A 357 25.91 -11.61 1.99
N GLU A 358 25.40 -12.81 1.69
CA GLU A 358 24.72 -13.60 2.71
C GLU A 358 25.59 -14.01 3.92
N GLY A 359 25.06 -13.78 5.13
CA GLY A 359 25.84 -14.17 6.33
C GLY A 359 25.79 -15.67 6.61
N ASP A 360 26.12 -16.01 7.86
CA ASP A 360 26.19 -17.40 8.28
C ASP A 360 24.98 -18.07 8.91
N GLY A 361 24.03 -17.29 9.40
CA GLY A 361 22.98 -17.83 10.25
C GLY A 361 21.76 -16.96 10.15
N SER A 362 20.81 -17.14 11.02
CA SER A 362 19.68 -16.26 10.88
C SER A 362 19.20 -15.76 12.23
N LEU A 363 18.28 -14.80 12.21
CA LEU A 363 17.73 -14.34 13.43
C LEU A 363 16.30 -14.73 13.53
N LYS A 364 15.96 -15.49 14.59
CA LYS A 364 14.57 -15.82 14.77
C LYS A 364 13.80 -14.81 15.60
N TYR A 365 12.56 -14.49 15.15
CA TYR A 365 11.65 -13.70 15.98
C TYR A 365 10.68 -14.57 16.76
N TYR A 366 10.44 -14.21 18.02
CA TYR A 366 9.60 -14.97 18.94
C TYR A 366 8.63 -14.08 19.65
N LEU A 367 7.50 -14.66 19.94
CA LEU A 367 6.51 -14.13 20.81
C LEU A 367 6.27 -15.09 21.93
N TYR A 368 6.10 -14.57 23.13
CA TYR A 368 5.76 -15.32 24.37
C TYR A 368 4.31 -15.16 24.71
N ASN A 369 3.65 -16.32 24.98
CA ASN A 369 2.18 -16.39 25.16
C ASN A 369 1.37 -15.72 24.04
N TRP A 370 1.71 -16.08 22.80
CA TRP A 370 0.92 -15.64 21.68
C TRP A 370 0.93 -16.71 20.65
N LYS A 371 -0.26 -16.93 20.11
CA LYS A 371 -0.49 -17.91 19.08
C LYS A 371 -0.92 -17.22 17.75
N CYS A 372 -0.25 -17.52 16.62
CA CYS A 372 -0.55 -16.87 15.32
C CYS A 372 0.20 -17.63 14.23
N ALA A 373 -0.14 -17.31 12.99
CA ALA A 373 0.52 -17.90 11.88
C ALA A 373 1.89 -17.30 11.79
N SER A 374 2.82 -18.14 11.40
CA SER A 374 4.14 -17.66 11.11
C SER A 374 4.17 -17.04 9.70
N PHE A 375 5.18 -16.24 9.42
CA PHE A 375 5.19 -15.49 8.16
C PHE A 375 6.64 -15.24 7.74
N ALA A 376 6.84 -14.91 6.46
CA ALA A 376 8.14 -14.66 5.89
C ALA A 376 8.63 -13.30 6.35
N PRO A 377 9.97 -13.12 6.39
CA PRO A 377 10.54 -11.96 7.07
C PRO A 377 10.25 -10.64 6.42
N ALA A 378 9.89 -10.64 5.15
CA ALA A 378 9.45 -9.37 4.53
C ALA A 378 8.20 -8.75 5.18
N HIS A 379 7.41 -9.55 5.95
CA HIS A 379 6.23 -9.09 6.74
C HIS A 379 6.58 -8.69 8.12
N VAL A 380 7.87 -8.88 8.46
CA VAL A 380 8.37 -8.34 9.75
C VAL A 380 8.75 -6.89 9.58
N GLY A 381 8.13 -6.02 10.41
CA GLY A 381 8.44 -4.58 10.45
C GLY A 381 9.00 -4.06 11.77
N ILE A 382 9.68 -4.92 12.52
CA ILE A 382 10.37 -4.45 13.73
C ILE A 382 11.81 -4.95 13.76
N VAL A 383 12.73 -4.13 14.24
CA VAL A 383 14.17 -4.47 14.39
C VAL A 383 14.50 -4.24 15.86
N LEU A 384 14.91 -5.33 16.52
CA LEU A 384 15.29 -5.33 17.94
C LEU A 384 16.78 -5.07 18.01
N LEU A 385 17.27 -4.83 19.22
CA LEU A 385 18.63 -4.33 19.34
C LEU A 385 19.64 -5.43 19.53
N MET B 1 25.75 -6.55 -24.81
CA MET B 1 24.39 -6.73 -25.42
C MET B 1 23.74 -5.38 -25.70
N ASP B 2 23.45 -5.11 -26.98
CA ASP B 2 23.13 -3.75 -27.42
C ASP B 2 21.65 -3.38 -27.48
N TYR B 3 20.78 -4.37 -27.63
CA TYR B 3 19.33 -4.13 -27.68
C TYR B 3 18.95 -3.14 -28.73
N LYS B 4 19.38 -3.42 -29.96
CA LYS B 4 19.15 -2.49 -31.05
C LYS B 4 17.66 -2.42 -31.30
N PHE B 5 16.93 -3.52 -31.11
CA PHE B 5 15.51 -3.45 -31.36
C PHE B 5 14.83 -2.89 -30.16
N TRP B 6 15.19 -3.40 -28.99
CA TRP B 6 14.49 -2.97 -27.81
C TRP B 6 14.58 -1.49 -27.49
N TYR B 7 15.76 -0.90 -27.67
CA TYR B 7 15.88 0.55 -27.45
C TYR B 7 15.03 1.48 -28.31
N THR B 8 14.59 0.99 -29.48
CA THR B 8 13.59 1.67 -30.30
C THR B 8 12.17 1.63 -29.73
N GLN B 9 11.93 0.75 -28.75
CA GLN B 9 10.57 0.66 -28.15
C GLN B 9 10.40 1.45 -26.84
N PRO B 10 9.09 1.76 -26.48
CA PRO B 10 8.72 2.34 -25.17
C PRO B 10 8.82 1.36 -24.01
N VAL B 11 10.06 0.97 -23.69
CA VAL B 11 10.36 0.19 -22.50
C VAL B 11 11.50 0.92 -21.80
N PRO B 12 11.77 0.57 -20.54
CA PRO B 12 12.87 1.23 -19.78
C PRO B 12 14.21 0.90 -20.39
N LYS B 13 15.18 1.78 -20.20
CA LYS B 13 16.52 1.47 -20.63
C LYS B 13 17.08 0.58 -19.58
N ILE B 14 18.27 0.08 -19.86
CA ILE B 14 18.90 -0.85 -18.94
C ILE B 14 19.20 -0.23 -17.57
N ASN B 15 19.33 1.09 -17.49
CA ASN B 15 19.61 1.79 -16.23
C ASN B 15 18.48 2.56 -15.60
N ASP B 16 17.36 2.62 -16.29
CA ASP B 16 16.18 3.28 -15.75
C ASP B 16 15.68 2.61 -14.47
N GLU B 17 15.49 3.46 -13.46
CA GLU B 17 14.96 3.00 -12.19
C GLU B 17 14.01 4.08 -11.78
N PHE B 18 12.79 3.73 -11.40
CA PHE B 18 11.78 4.74 -11.04
C PHE B 18 11.25 4.57 -9.64
N ASN B 19 10.86 5.67 -8.98
CA ASN B 19 10.19 5.64 -7.67
CA ASN B 19 10.25 5.51 -7.65
C ASN B 19 8.81 5.00 -7.67
N GLU B 20 8.34 4.61 -6.48
CA GLU B 20 7.05 3.99 -6.39
C GLU B 20 5.93 4.90 -6.82
N SER B 21 6.10 6.21 -6.67
CA SER B 21 5.05 7.09 -7.12
C SER B 21 4.95 7.14 -8.66
N VAL B 22 5.99 6.70 -9.38
CA VAL B 22 5.95 6.74 -10.86
C VAL B 22 5.22 5.49 -11.35
N ASN B 23 4.19 5.70 -12.13
CA ASN B 23 3.32 4.64 -12.57
C ASN B 23 2.47 5.16 -13.70
N GLU B 24 2.99 5.01 -14.90
CA GLU B 24 2.38 5.71 -16.02
CA GLU B 24 2.37 5.68 -16.02
C GLU B 24 2.98 5.20 -17.33
N PRO B 25 2.34 5.55 -18.47
CA PRO B 25 2.91 5.07 -19.74
C PRO B 25 4.23 5.81 -20.04
N PHE B 26 5.09 5.22 -20.86
CA PHE B 26 6.16 6.03 -21.49
C PHE B 26 5.55 7.01 -22.52
N ILE B 27 4.68 6.50 -23.39
CA ILE B 27 4.05 7.33 -24.41
C ILE B 27 2.53 7.35 -24.18
N SER B 28 1.96 8.54 -23.97
CA SER B 28 0.55 8.72 -23.71
C SER B 28 -0.18 9.39 -24.89
N ASP B 29 -1.50 9.59 -24.71
CA ASP B 29 -2.38 10.28 -25.67
C ASP B 29 -2.27 9.66 -27.06
N ASN B 30 -2.24 8.34 -27.09
CA ASN B 30 -2.08 7.61 -28.32
C ASN B 30 -3.41 7.62 -29.05
N LYS B 31 -3.36 7.53 -30.38
CA LYS B 31 -4.59 7.66 -31.16
C LYS B 31 -4.71 6.59 -32.18
N VAL B 32 -5.81 5.82 -32.10
CA VAL B 32 -6.03 4.71 -33.04
C VAL B 32 -5.87 5.15 -34.50
N GLU B 33 -6.39 6.35 -34.76
CA GLU B 33 -6.38 6.91 -36.12
C GLU B 33 -5.00 6.94 -36.72
N ASP B 34 -4.00 7.14 -35.88
CA ASP B 34 -2.66 7.35 -36.34
C ASP B 34 -1.85 6.05 -36.51
N VAL B 35 -2.37 4.91 -36.05
CA VAL B 35 -1.63 3.65 -36.03
C VAL B 35 -1.53 3.15 -37.51
N ARG B 36 -0.36 2.63 -37.86
CA ARG B 36 -0.13 2.07 -39.17
C ARG B 36 -1.21 1.05 -39.55
N LYS B 37 -1.73 1.21 -40.76
CA LYS B 37 -2.84 0.39 -41.18
C LYS B 37 -2.42 -0.70 -42.13
N ASP B 38 -1.12 -0.72 -42.46
CA ASP B 38 -0.47 -1.69 -43.32
C ASP B 38 0.28 -2.72 -42.51
N GLU B 39 0.18 -4.00 -42.88
CA GLU B 39 1.01 -5.02 -42.23
C GLU B 39 2.48 -4.80 -42.43
N TYR B 40 3.27 -5.07 -41.42
CA TYR B 40 4.73 -5.00 -41.52
C TYR B 40 5.25 -5.83 -42.66
N LYS B 41 6.23 -5.29 -43.35
CA LYS B 41 6.90 -6.08 -44.38
C LYS B 41 7.68 -7.28 -43.83
N LEU B 42 7.56 -8.41 -44.54
CA LEU B 42 8.29 -9.66 -44.32
C LEU B 42 9.31 -9.85 -45.46
N PRO B 43 10.37 -10.67 -45.25
CA PRO B 43 11.38 -11.03 -46.26
C PRO B 43 10.73 -11.75 -47.41
N PRO B 44 11.43 -11.85 -48.54
CA PRO B 44 10.81 -12.45 -49.73
C PRO B 44 10.40 -13.86 -49.49
N GLY B 45 9.14 -14.19 -49.78
CA GLY B 45 8.77 -15.58 -49.66
C GLY B 45 7.92 -15.92 -48.45
N TYR B 46 7.73 -14.96 -47.55
CA TYR B 46 7.01 -15.18 -46.29
C TYR B 46 5.73 -14.34 -46.32
N SER B 47 4.68 -14.83 -45.66
CA SER B 47 3.37 -14.23 -45.64
C SER B 47 2.85 -14.22 -44.20
N TRP B 48 2.10 -13.18 -43.85
CA TRP B 48 1.24 -13.24 -42.65
C TRP B 48 0.17 -14.27 -42.87
N TYR B 49 -0.16 -14.98 -41.80
CA TYR B 49 -1.26 -15.93 -41.84
C TYR B 49 -2.19 -15.71 -40.68
N VAL B 50 -3.50 -15.76 -40.95
CA VAL B 50 -4.51 -15.58 -39.95
C VAL B 50 -4.80 -16.92 -39.35
N CYS B 51 -4.29 -17.19 -38.16
CA CYS B 51 -4.46 -18.51 -37.55
C CYS B 51 -5.81 -18.51 -36.89
N ASP B 52 -6.66 -19.46 -37.30
CA ASP B 52 -7.92 -19.56 -36.65
C ASP B 52 -7.75 -20.68 -35.61
N VAL B 53 -7.60 -20.33 -34.31
CA VAL B 53 -7.26 -21.36 -33.26
C VAL B 53 -8.36 -22.39 -33.01
N LYS B 54 -9.58 -21.99 -33.33
CA LYS B 54 -10.74 -22.86 -33.25
C LYS B 54 -10.87 -23.77 -34.46
N ASP B 55 -10.06 -23.58 -35.51
CA ASP B 55 -9.90 -24.54 -36.61
C ASP B 55 -8.87 -25.64 -36.35
N GLU B 56 -9.29 -26.91 -36.47
CA GLU B 56 -8.36 -28.02 -36.22
C GLU B 56 -7.05 -27.93 -36.97
N LYS B 57 -7.14 -27.70 -38.26
CA LYS B 57 -5.94 -27.69 -39.11
C LYS B 57 -4.99 -26.55 -38.69
N ASP B 58 -5.52 -25.31 -38.57
CA ASP B 58 -4.74 -24.15 -38.07
C ASP B 58 -4.12 -24.42 -36.67
N ARG B 59 -4.93 -24.90 -35.74
CA ARG B 59 -4.38 -25.23 -34.41
C ARG B 59 -3.26 -26.28 -34.45
N SER B 60 -3.45 -27.30 -35.30
CA SER B 60 -2.52 -28.33 -35.48
C SER B 60 -1.20 -27.80 -36.02
N GLU B 61 -1.24 -26.71 -36.83
CA GLU B 61 0.03 -26.19 -37.42
C GLU B 61 0.77 -25.44 -36.37
N ILE B 62 -0.03 -24.74 -35.57
CA ILE B 62 0.50 -23.98 -34.42
C ILE B 62 1.14 -25.00 -33.44
N TYR B 63 0.38 -26.06 -33.15
CA TYR B 63 0.90 -27.16 -32.34
C TYR B 63 2.25 -27.71 -32.87
N THR B 64 2.27 -27.97 -34.18
CA THR B 64 3.50 -28.50 -34.74
C THR B 64 4.71 -27.56 -34.58
N LEU B 65 4.53 -26.30 -34.97
CA LEU B 65 5.60 -25.31 -34.88
C LEU B 65 6.12 -25.25 -33.44
N LEU B 66 5.19 -25.21 -32.45
CA LEU B 66 5.64 -25.07 -31.06
C LEU B 66 6.25 -26.33 -30.52
N THR B 67 5.67 -27.49 -30.85
CA THR B 67 6.31 -28.79 -30.55
C THR B 67 7.76 -28.91 -31.00
N ASP B 68 8.04 -28.41 -32.20
CA ASP B 68 9.33 -28.59 -32.82
C ASP B 68 10.24 -27.41 -32.46
N ASN B 69 9.67 -26.24 -32.15
CA ASN B 69 10.48 -25.03 -32.12
C ASN B 69 10.39 -24.12 -30.91
N TYR B 70 9.66 -24.55 -29.89
CA TYR B 70 9.52 -23.74 -28.72
C TYR B 70 10.65 -23.88 -27.66
N VAL B 71 10.44 -23.35 -26.44
CA VAL B 71 11.46 -23.26 -25.42
C VAL B 71 12.01 -24.61 -25.00
N GLU B 72 13.34 -24.64 -24.92
CA GLU B 72 14.11 -25.74 -24.41
C GLU B 72 14.93 -25.43 -23.19
N ASP B 73 15.39 -26.46 -22.50
CA ASP B 73 16.24 -26.25 -21.34
C ASP B 73 17.65 -25.92 -21.82
N ASP B 74 18.56 -25.63 -20.90
CA ASP B 74 19.96 -25.30 -21.23
C ASP B 74 20.78 -26.38 -21.95
N ASP B 75 20.51 -27.65 -21.64
CA ASP B 75 21.18 -28.78 -22.34
C ASP B 75 20.36 -29.36 -23.49
N ASN B 76 19.23 -28.71 -23.80
CA ASN B 76 18.40 -29.12 -24.93
C ASN B 76 18.09 -30.60 -24.77
N ILE B 77 17.79 -30.98 -23.52
CA ILE B 77 17.25 -32.31 -23.22
C ILE B 77 15.71 -32.32 -23.31
N PHE B 78 15.10 -31.16 -23.00
CA PHE B 78 13.64 -31.00 -22.85
C PHE B 78 13.13 -29.80 -23.67
N ARG B 79 11.93 -29.96 -24.20
CA ARG B 79 11.27 -28.91 -24.95
C ARG B 79 9.81 -28.80 -24.55
N PHE B 80 9.39 -27.63 -24.10
CA PHE B 80 7.97 -27.38 -23.83
C PHE B 80 7.07 -27.94 -24.92
N ASN B 81 5.99 -28.59 -24.51
CA ASN B 81 5.12 -29.27 -25.46
C ASN B 81 3.66 -29.04 -25.11
N TYR B 82 3.27 -27.77 -25.05
CA TYR B 82 1.87 -27.42 -24.93
C TYR B 82 0.97 -28.21 -25.88
N SER B 83 -0.11 -28.75 -25.37
CA SER B 83 -1.02 -29.53 -26.23
C SER B 83 -1.87 -28.62 -27.10
N ALA B 84 -2.33 -29.19 -28.18
CA ALA B 84 -3.33 -28.48 -28.98
C ALA B 84 -4.53 -27.98 -28.18
N GLU B 85 -5.09 -28.86 -27.31
CA GLU B 85 -6.20 -28.43 -26.43
CA GLU B 85 -6.18 -28.50 -26.43
C GLU B 85 -5.80 -27.33 -25.45
N PHE B 86 -4.57 -27.31 -24.99
CA PHE B 86 -4.12 -26.25 -24.10
C PHE B 86 -4.11 -24.93 -24.88
N LEU B 87 -3.43 -24.98 -26.03
CA LEU B 87 -3.43 -23.83 -26.96
C LEU B 87 -4.81 -23.24 -27.19
N LEU B 88 -5.80 -24.10 -27.41
CA LEU B 88 -7.19 -23.68 -27.64
C LEU B 88 -7.64 -22.90 -26.40
N TRP B 89 -7.37 -23.50 -25.25
CA TRP B 89 -7.74 -22.80 -24.02
C TRP B 89 -7.07 -21.49 -23.77
N ALA B 90 -5.78 -21.46 -23.99
CA ALA B 90 -4.95 -20.32 -23.68
C ALA B 90 -5.29 -19.09 -24.57
N LEU B 91 -5.82 -19.33 -25.75
CA LEU B 91 -5.92 -18.28 -26.73
C LEU B 91 -7.37 -17.82 -26.98
N THR B 92 -8.34 -18.51 -26.36
CA THR B 92 -9.78 -18.21 -26.67
C THR B 92 -10.55 -17.78 -25.44
N SER B 93 -9.81 -17.11 -24.56
CA SER B 93 -10.34 -16.42 -23.37
C SER B 93 -11.29 -15.30 -23.71
N PRO B 94 -12.05 -14.82 -22.69
CA PRO B 94 -13.17 -13.96 -23.06
C PRO B 94 -12.73 -12.76 -23.88
N ASN B 95 -13.52 -12.43 -24.91
CA ASN B 95 -13.30 -11.23 -25.73
C ASN B 95 -12.00 -11.21 -26.55
N TYR B 96 -11.38 -12.38 -26.68
CA TYR B 96 -10.16 -12.52 -27.42
C TYR B 96 -10.38 -11.97 -28.86
N LEU B 97 -9.27 -11.54 -29.43
CA LEU B 97 -9.27 -11.02 -30.80
C LEU B 97 -8.64 -12.09 -31.70
N LYS B 98 -9.35 -12.47 -32.72
CA LYS B 98 -8.75 -13.27 -33.77
C LYS B 98 -7.58 -12.64 -34.48
N THR B 99 -7.62 -11.32 -34.67
CA THR B 99 -6.48 -10.61 -35.26
C THR B 99 -5.19 -10.79 -34.49
N TRP B 100 -5.25 -11.19 -33.21
CA TRP B 100 -4.01 -11.26 -32.39
C TRP B 100 -3.36 -12.63 -32.33
N HIS B 101 -3.86 -13.55 -33.17
CA HIS B 101 -3.29 -14.86 -33.35
C HIS B 101 -2.53 -14.91 -34.67
N ILE B 102 -1.28 -14.54 -34.66
CA ILE B 102 -0.59 -14.27 -35.92
C ILE B 102 0.43 -15.30 -36.28
N GLY B 103 0.37 -15.75 -37.54
CA GLY B 103 1.20 -16.80 -38.09
C GLY B 103 2.06 -16.21 -39.21
N VAL B 104 3.19 -16.84 -39.45
CA VAL B 104 3.99 -16.55 -40.67
C VAL B 104 4.27 -17.87 -41.40
N LYS B 105 3.97 -17.90 -42.70
CA LYS B 105 4.26 -19.12 -43.49
C LYS B 105 5.36 -18.82 -44.49
N TYR B 106 6.14 -19.84 -44.85
CA TYR B 106 7.02 -19.79 -46.00
C TYR B 106 6.19 -20.25 -47.22
N ASP B 107 6.10 -19.40 -48.26
CA ASP B 107 4.99 -19.59 -49.20
C ASP B 107 5.20 -20.86 -50.02
N ALA B 108 6.47 -21.25 -50.14
CA ALA B 108 6.90 -22.26 -51.10
C ALA B 108 6.47 -23.66 -50.65
N SER B 109 6.62 -23.94 -49.35
CA SER B 109 6.16 -25.17 -48.68
C SER B 109 4.75 -25.04 -48.04
N ASN B 110 4.27 -23.81 -47.87
CA ASN B 110 2.98 -23.61 -47.23
C ASN B 110 3.04 -24.12 -45.77
N LYS B 111 4.19 -23.93 -45.11
CA LYS B 111 4.37 -24.48 -43.75
C LYS B 111 4.49 -23.32 -42.76
N LEU B 112 4.06 -23.52 -41.53
CA LEU B 112 4.12 -22.41 -40.56
C LEU B 112 5.52 -22.28 -39.94
N ILE B 113 6.16 -21.10 -40.02
CA ILE B 113 7.53 -20.95 -39.50
C ILE B 113 7.66 -19.93 -38.34
N GLY B 114 6.54 -19.32 -38.06
CA GLY B 114 6.52 -18.37 -36.96
C GLY B 114 5.12 -18.14 -36.45
N PHE B 115 5.04 -17.63 -35.22
CA PHE B 115 3.82 -17.45 -34.48
C PHE B 115 4.11 -16.45 -33.35
N ILE B 116 3.08 -15.67 -33.08
CA ILE B 116 3.00 -14.81 -31.87
C ILE B 116 1.52 -14.65 -31.54
N SER B 117 1.19 -14.50 -30.24
CA SER B 117 -0.17 -14.30 -29.85
C SER B 117 -0.30 -13.32 -28.67
N ALA B 118 -1.47 -12.76 -28.56
CA ALA B 118 -1.93 -12.09 -27.33
C ALA B 118 -3.42 -12.31 -27.04
N ILE B 119 -3.81 -12.14 -25.74
CA ILE B 119 -5.20 -12.08 -25.34
C ILE B 119 -5.42 -10.83 -24.48
N PRO B 120 -6.65 -10.26 -24.50
CA PRO B 120 -6.84 -9.00 -23.80
C PRO B 120 -7.06 -9.27 -22.30
N THR B 121 -6.61 -8.40 -21.40
CA THR B 121 -6.95 -8.56 -19.95
C THR B 121 -6.86 -7.21 -19.21
N ASP B 122 -7.49 -7.05 -18.08
CA ASP B 122 -7.33 -5.85 -17.29
C ASP B 122 -6.22 -6.18 -16.31
N ILE B 123 -5.17 -5.36 -16.27
CA ILE B 123 -3.96 -5.67 -15.45
C ILE B 123 -3.85 -4.56 -14.41
N CYS B 124 -3.70 -4.91 -13.12
CA CYS B 124 -3.57 -3.92 -12.04
C CYS B 124 -2.11 -3.84 -11.68
N ILE B 125 -1.46 -2.70 -11.94
CA ILE B 125 -0.04 -2.48 -11.69
C ILE B 125 0.03 -1.27 -10.73
N HIS B 126 0.53 -1.51 -9.49
CA HIS B 126 0.59 -0.50 -8.41
CA HIS B 126 0.61 -0.45 -8.47
C HIS B 126 -0.70 0.31 -8.31
N LYS B 127 -1.81 -0.40 -8.28
CA LYS B 127 -3.11 0.16 -7.98
C LYS B 127 -3.83 0.84 -9.12
N ARG B 128 -3.19 0.95 -10.31
CA ARG B 128 -3.87 1.40 -11.52
C ARG B 128 -4.24 0.19 -12.37
N THR B 129 -5.51 0.13 -12.77
CA THR B 129 -5.92 -0.95 -13.63
C THR B 129 -5.91 -0.43 -15.06
N ILE B 130 -5.34 -1.23 -15.94
CA ILE B 130 -5.13 -0.83 -17.32
C ILE B 130 -5.45 -2.02 -18.22
N LYS B 131 -6.18 -1.74 -19.29
CA LYS B 131 -6.35 -2.70 -20.38
CA LYS B 131 -6.36 -2.73 -20.38
C LYS B 131 -5.05 -3.12 -21.06
N MET B 132 -4.70 -4.40 -20.98
CA MET B 132 -3.47 -4.82 -21.64
C MET B 132 -3.62 -6.00 -22.57
N ALA B 133 -2.72 -6.10 -23.54
CA ALA B 133 -2.61 -7.38 -24.15
C ALA B 133 -1.62 -8.26 -23.36
N GLU B 134 -1.92 -9.54 -23.21
CA GLU B 134 -0.96 -10.49 -22.69
C GLU B 134 -0.34 -11.33 -23.80
N VAL B 135 0.96 -11.13 -23.99
CA VAL B 135 1.66 -11.73 -25.19
C VAL B 135 2.26 -13.07 -24.81
N ASN B 136 2.07 -14.11 -25.66
CA ASN B 136 2.65 -15.36 -25.40
C ASN B 136 2.90 -16.13 -26.71
N PHE B 137 3.76 -17.10 -26.63
CA PHE B 137 3.90 -18.12 -27.71
C PHE B 137 4.68 -17.58 -28.89
N LEU B 138 5.38 -16.47 -28.71
CA LEU B 138 6.41 -16.06 -29.78
C LEU B 138 7.29 -17.23 -30.05
N CYS B 139 7.42 -17.51 -31.32
CA CYS B 139 8.22 -18.65 -31.78
C CYS B 139 8.59 -18.55 -33.26
N VAL B 140 9.84 -18.78 -33.53
CA VAL B 140 10.42 -18.70 -34.87
C VAL B 140 11.08 -20.05 -35.09
N HIS B 141 10.81 -20.62 -36.25
CA HIS B 141 11.35 -21.94 -36.59
C HIS B 141 12.85 -21.97 -36.35
N LYS B 142 13.36 -23.09 -35.85
CA LYS B 142 14.81 -23.19 -35.53
C LYS B 142 15.72 -22.94 -36.72
N THR B 143 15.26 -23.27 -37.93
CA THR B 143 16.09 -23.07 -39.14
C THR B 143 16.14 -21.61 -39.61
N LEU B 144 15.52 -20.70 -38.87
CA LEU B 144 15.35 -19.31 -39.34
C LEU B 144 15.72 -18.38 -38.18
N ARG B 145 16.41 -18.94 -37.22
CA ARG B 145 16.81 -18.13 -36.06
C ARG B 145 17.88 -17.06 -36.35
N SER B 146 17.86 -15.97 -35.59
CA SER B 146 18.78 -14.85 -35.70
C SER B 146 18.73 -14.10 -37.04
N LYS B 147 17.53 -14.00 -37.63
CA LYS B 147 17.28 -13.31 -38.90
C LYS B 147 16.50 -12.06 -38.66
N ARG B 148 16.34 -11.66 -37.40
CA ARG B 148 15.51 -10.47 -37.12
C ARG B 148 14.09 -10.67 -37.53
N LEU B 149 13.56 -11.90 -37.43
CA LEU B 149 12.15 -12.08 -37.64
C LEU B 149 11.33 -11.72 -36.42
N ALA B 150 11.90 -12.01 -35.27
CA ALA B 150 11.15 -11.78 -34.01
C ALA B 150 10.65 -10.29 -33.90
N PRO B 151 11.52 -9.27 -34.22
CA PRO B 151 11.07 -7.90 -34.21
C PRO B 151 9.91 -7.63 -35.16
N VAL B 152 9.84 -8.38 -36.29
CA VAL B 152 8.74 -8.17 -37.18
C VAL B 152 7.43 -8.67 -36.60
N LEU B 153 7.48 -9.80 -35.89
CA LEU B 153 6.34 -10.37 -35.21
C LEU B 153 5.86 -9.43 -34.09
N ILE B 154 6.80 -8.93 -33.31
CA ILE B 154 6.47 -8.02 -32.20
C ILE B 154 5.86 -6.73 -32.73
N LYS B 155 6.43 -6.10 -33.78
CA LYS B 155 5.84 -4.86 -34.19
C LYS B 155 4.41 -5.03 -34.84
N GLU B 156 4.24 -6.14 -35.55
CA GLU B 156 3.01 -6.41 -36.23
C GLU B 156 1.97 -6.67 -35.16
N ILE B 157 2.35 -7.43 -34.14
CA ILE B 157 1.34 -7.66 -33.12
C ILE B 157 0.99 -6.34 -32.30
N THR B 158 2.01 -5.56 -32.02
CA THR B 158 1.84 -4.23 -31.44
C THR B 158 0.89 -3.34 -32.24
N ARG B 159 1.01 -3.36 -33.58
CA ARG B 159 0.09 -2.67 -34.45
C ARG B 159 -1.35 -3.14 -34.26
N ARG B 160 -1.53 -4.47 -34.20
CA ARG B 160 -2.88 -4.96 -34.18
C ARG B 160 -3.52 -4.80 -32.80
N ILE B 161 -2.69 -4.74 -31.78
CA ILE B 161 -3.15 -4.40 -30.42
C ILE B 161 -3.52 -2.87 -30.35
N ASN B 162 -2.67 -2.01 -30.92
CA ASN B 162 -2.92 -0.62 -30.86
C ASN B 162 -4.21 -0.29 -31.63
N LEU B 163 -4.60 -1.12 -32.61
CA LEU B 163 -5.86 -0.89 -33.39
C LEU B 163 -7.08 -1.17 -32.54
N GLU B 164 -6.87 -1.78 -31.40
CA GLU B 164 -7.93 -1.89 -30.42
C GLU B 164 -7.94 -0.84 -29.30
N ASN B 165 -7.22 0.27 -29.51
CA ASN B 165 -7.04 1.25 -28.49
C ASN B 165 -6.42 0.73 -27.20
N ILE B 166 -5.51 -0.21 -27.34
CA ILE B 166 -4.77 -0.77 -26.21
C ILE B 166 -3.30 -0.53 -26.48
N TRP B 167 -2.65 0.04 -25.46
CA TRP B 167 -1.30 0.57 -25.59
C TRP B 167 -0.24 -0.01 -24.66
N GLN B 168 -0.63 -0.97 -23.83
CA GLN B 168 0.33 -1.58 -22.96
C GLN B 168 0.12 -3.08 -23.10
N ALA B 169 1.15 -3.83 -22.73
CA ALA B 169 1.11 -5.25 -22.67
C ALA B 169 1.97 -5.80 -21.52
N ILE B 170 1.72 -7.05 -21.24
CA ILE B 170 2.53 -7.80 -20.24
C ILE B 170 2.98 -9.06 -20.91
N TYR B 171 4.17 -9.52 -20.55
CA TYR B 171 4.78 -10.70 -21.14
C TYR B 171 5.85 -11.14 -20.23
N THR B 172 6.27 -12.38 -20.33
CA THR B 172 7.31 -12.98 -19.47
C THR B 172 8.32 -13.58 -20.37
N ALA B 173 9.54 -13.71 -19.88
CA ALA B 173 10.54 -14.37 -20.66
C ALA B 173 11.65 -14.83 -19.73
N GLY B 174 12.25 -15.97 -20.04
CA GLY B 174 13.48 -16.39 -19.40
C GLY B 174 14.71 -15.57 -19.66
N VAL B 175 14.78 -14.95 -20.83
CA VAL B 175 15.95 -14.14 -21.23
C VAL B 175 15.80 -12.75 -20.63
N TYR B 176 16.94 -12.12 -20.31
CA TYR B 176 16.97 -10.75 -19.83
C TYR B 176 16.77 -9.69 -20.95
N LEU B 177 15.73 -8.86 -20.84
CA LEU B 177 15.44 -7.78 -21.81
C LEU B 177 15.25 -6.46 -21.08
N PRO B 178 15.40 -5.36 -21.78
CA PRO B 178 15.01 -4.21 -21.05
C PRO B 178 13.48 -4.10 -20.86
N LYS B 179 12.99 -3.98 -19.63
CA LYS B 179 13.70 -4.17 -18.41
C LYS B 179 12.68 -4.80 -17.44
N PRO B 180 13.10 -5.81 -16.64
CA PRO B 180 12.01 -6.44 -15.82
C PRO B 180 11.34 -5.58 -14.75
N VAL B 181 10.05 -5.83 -14.51
CA VAL B 181 9.39 -5.26 -13.35
C VAL B 181 9.58 -6.13 -12.14
N SER B 182 9.68 -7.42 -12.40
CA SER B 182 10.01 -8.38 -11.36
C SER B 182 10.67 -9.54 -12.02
N ASP B 183 11.30 -10.39 -11.20
CA ASP B 183 12.07 -11.52 -11.69
C ASP B 183 11.91 -12.66 -10.65
N ALA B 184 11.31 -13.79 -11.06
CA ALA B 184 10.84 -14.82 -10.11
C ALA B 184 11.56 -16.07 -10.48
N ARG B 185 12.36 -16.63 -9.56
CA ARG B 185 12.92 -17.97 -9.87
C ARG B 185 11.87 -19.09 -9.83
N TYR B 186 12.11 -20.15 -10.60
CA TYR B 186 11.22 -21.33 -10.51
C TYR B 186 11.85 -22.46 -9.71
N TYR B 187 10.96 -23.19 -9.06
CA TYR B 187 11.27 -24.30 -8.16
C TYR B 187 10.49 -25.53 -8.61
N HIS B 188 11.03 -26.72 -8.33
CA HIS B 188 10.36 -27.97 -8.71
C HIS B 188 10.16 -28.89 -7.59
N ARG B 189 8.98 -29.48 -7.51
CA ARG B 189 8.81 -30.55 -6.49
C ARG B 189 8.70 -31.93 -7.15
N SER B 190 9.67 -32.82 -6.93
CA SER B 190 9.63 -34.14 -7.55
C SER B 190 8.42 -34.88 -7.05
N ILE B 191 7.71 -35.49 -7.97
CA ILE B 191 6.70 -36.46 -7.60
C ILE B 191 7.15 -37.91 -7.99
N ASN B 192 7.46 -38.11 -9.27
CA ASN B 192 7.93 -39.40 -9.77
C ASN B 192 9.42 -39.36 -9.82
N VAL B 193 10.00 -39.67 -8.69
CA VAL B 193 11.45 -39.46 -8.46
C VAL B 193 12.33 -40.25 -9.44
N LYS B 194 12.01 -41.54 -9.55
CA LYS B 194 12.78 -42.44 -10.37
C LYS B 194 12.95 -41.96 -11.83
N LYS B 195 11.81 -41.74 -12.47
CA LYS B 195 11.72 -41.12 -13.77
C LYS B 195 12.52 -39.84 -13.94
N LEU B 196 12.36 -38.93 -13.00
CA LEU B 196 13.06 -37.66 -13.09
C LEU B 196 14.60 -37.89 -12.97
N ILE B 197 15.02 -38.88 -12.21
CA ILE B 197 16.49 -39.22 -12.17
C ILE B 197 16.90 -39.71 -13.54
N GLU B 198 16.08 -40.60 -14.09
CA GLU B 198 16.45 -41.40 -15.27
C GLU B 198 16.56 -40.52 -16.46
N ILE B 199 15.82 -39.41 -16.42
CA ILE B 199 15.81 -38.48 -17.56
C ILE B 199 16.78 -37.33 -17.36
N GLY B 200 17.58 -37.34 -16.29
CA GLY B 200 18.42 -36.19 -15.95
C GLY B 200 17.72 -34.91 -15.50
N PHE B 201 16.49 -34.97 -15.00
CA PHE B 201 15.81 -33.76 -14.52
C PHE B 201 16.26 -33.52 -13.08
N SER B 202 16.25 -34.59 -12.28
CA SER B 202 16.88 -34.52 -10.94
C SER B 202 18.15 -35.34 -10.93
N SER B 203 18.88 -35.29 -9.83
CA SER B 203 20.12 -36.06 -9.66
CA SER B 203 20.10 -36.10 -9.68
C SER B 203 20.20 -36.69 -8.27
N LEU B 204 21.03 -37.73 -8.16
CA LEU B 204 21.35 -38.39 -6.89
C LEU B 204 22.74 -38.03 -6.39
N ASN B 205 22.91 -38.17 -5.08
N ASN B 205 22.93 -38.06 -5.08
CA ASN B 205 24.12 -37.83 -4.32
CA ASN B 205 24.25 -37.87 -4.48
C ASN B 205 24.69 -39.14 -3.72
C ASN B 205 24.76 -39.18 -3.88
N SER B 206 25.97 -39.15 -3.32
CA SER B 206 26.51 -40.33 -2.58
C SER B 206 25.71 -40.49 -1.28
N ARG B 207 25.38 -39.35 -0.68
CA ARG B 207 24.42 -39.27 0.43
C ARG B 207 22.99 -39.75 0.02
N LEU B 208 22.50 -39.31 -1.15
CA LEU B 208 21.17 -39.75 -1.63
C LEU B 208 21.22 -40.93 -2.62
N THR B 209 20.83 -42.13 -2.19
CA THR B 209 20.71 -43.31 -3.08
C THR B 209 19.33 -43.29 -3.73
N MET B 210 19.11 -44.11 -4.75
CA MET B 210 17.84 -44.11 -5.41
C MET B 210 16.69 -44.35 -4.40
N SER B 211 16.85 -45.31 -3.45
CA SER B 211 15.81 -45.67 -2.52
C SER B 211 15.63 -44.56 -1.48
N ARG B 212 16.73 -43.98 -1.06
CA ARG B 212 16.63 -42.78 -0.16
C ARG B 212 15.89 -41.62 -0.82
N ALA B 213 16.05 -41.43 -2.13
CA ALA B 213 15.36 -40.36 -2.86
C ALA B 213 13.84 -40.54 -3.01
N ILE B 214 13.48 -41.77 -3.31
CA ILE B 214 12.10 -42.16 -3.41
C ILE B 214 11.49 -41.95 -2.04
N LYS B 215 12.21 -42.32 -0.99
CA LYS B 215 11.70 -42.10 0.38
C LYS B 215 11.51 -40.62 0.65
N LEU B 216 12.56 -39.82 0.41
CA LEU B 216 12.49 -38.37 0.62
C LEU B 216 11.19 -37.77 0.04
N TYR B 217 10.87 -38.12 -1.20
CA TYR B 217 9.73 -37.48 -1.88
C TYR B 217 8.38 -38.15 -1.81
N ARG B 218 8.25 -39.24 -1.04
CA ARG B 218 6.97 -39.88 -0.75
C ARG B 218 5.97 -38.93 -0.06
N VAL B 219 4.69 -39.13 -0.34
CA VAL B 219 3.69 -38.27 0.25
C VAL B 219 2.49 -39.13 0.72
N GLU B 220 1.93 -38.77 1.86
CA GLU B 220 0.68 -39.40 2.27
C GLU B 220 -0.46 -39.11 1.29
N ASP B 221 -1.13 -40.16 0.83
CA ASP B 221 -2.34 -40.01 0.00
C ASP B 221 -3.64 -39.57 0.72
N THR B 222 -3.52 -38.64 1.67
CA THR B 222 -4.70 -38.07 2.32
C THR B 222 -4.62 -36.52 2.38
N LEU B 223 -5.70 -35.86 1.99
CA LEU B 223 -5.71 -34.40 1.97
C LEU B 223 -5.79 -33.78 3.36
N ASN B 224 -5.16 -32.64 3.52
CA ASN B 224 -5.31 -31.78 4.68
C ASN B 224 -6.71 -31.22 4.71
N ILE B 225 -7.18 -30.72 3.58
CA ILE B 225 -8.51 -30.09 3.45
C ILE B 225 -9.29 -31.18 2.73
N LYS B 226 -10.00 -31.96 3.55
CA LYS B 226 -10.61 -33.22 3.10
C LYS B 226 -11.64 -33.11 2.02
N ASN B 227 -12.35 -31.99 1.92
CA ASN B 227 -13.48 -31.87 0.98
C ASN B 227 -12.99 -31.20 -0.38
N MET B 228 -11.67 -30.98 -0.53
CA MET B 228 -11.10 -30.35 -1.77
CA MET B 228 -11.12 -30.37 -1.79
C MET B 228 -11.65 -31.12 -2.98
N ARG B 229 -12.28 -30.39 -3.89
CA ARG B 229 -12.96 -31.08 -4.98
C ARG B 229 -12.92 -30.30 -6.26
N LEU B 230 -13.03 -31.02 -7.37
CA LEU B 230 -13.08 -30.31 -8.63
C LEU B 230 -14.11 -29.21 -8.70
N MET B 231 -13.66 -28.06 -9.16
CA MET B 231 -14.55 -26.88 -9.34
C MET B 231 -15.66 -27.14 -10.33
N LYS B 232 -16.83 -26.55 -10.06
CA LYS B 232 -18.01 -26.60 -10.97
C LYS B 232 -18.52 -25.22 -11.32
N LYS B 233 -19.31 -25.13 -12.40
CA LYS B 233 -19.87 -23.85 -12.81
C LYS B 233 -20.54 -23.10 -11.63
N LYS B 234 -21.20 -23.84 -10.72
CA LYS B 234 -21.83 -23.12 -9.61
C LYS B 234 -20.82 -22.47 -8.65
N ASP B 235 -19.56 -22.91 -8.73
CA ASP B 235 -18.52 -22.37 -7.85
C ASP B 235 -17.89 -21.10 -8.38
N VAL B 236 -18.26 -20.68 -9.62
CA VAL B 236 -17.60 -19.54 -10.29
C VAL B 236 -17.66 -18.27 -9.46
N GLU B 237 -18.87 -17.91 -9.02
CA GLU B 237 -18.97 -16.70 -8.24
C GLU B 237 -18.11 -16.74 -7.00
N GLY B 238 -18.12 -17.87 -6.28
CA GLY B 238 -17.41 -17.97 -5.03
C GLY B 238 -15.87 -17.94 -5.28
N VAL B 239 -15.42 -18.51 -6.39
CA VAL B 239 -14.00 -18.45 -6.74
C VAL B 239 -13.65 -17.02 -7.12
N HIS B 240 -14.54 -16.37 -7.85
CA HIS B 240 -14.33 -14.96 -8.21
C HIS B 240 -14.12 -14.10 -6.98
N LYS B 241 -15.01 -14.27 -5.97
CA LYS B 241 -14.88 -13.48 -4.72
C LYS B 241 -13.59 -13.86 -4.01
N LEU B 242 -13.32 -15.14 -3.85
CA LEU B 242 -12.13 -15.53 -3.07
C LEU B 242 -10.86 -14.99 -3.68
N LEU B 243 -10.71 -15.19 -5.00
CA LEU B 243 -9.52 -14.86 -5.76
C LEU B 243 -9.41 -13.37 -5.90
N GLY B 244 -10.54 -12.73 -6.29
CA GLY B 244 -10.55 -11.29 -6.43
C GLY B 244 -10.08 -10.55 -5.18
N SER B 245 -10.66 -10.89 -4.03
N SER B 245 -10.65 -10.89 -4.04
CA SER B 245 -10.28 -10.28 -2.76
CA SER B 245 -10.27 -10.22 -2.86
C SER B 245 -8.80 -10.56 -2.50
C SER B 245 -8.81 -10.56 -2.50
N TYR B 246 -8.36 -11.80 -2.73
CA TYR B 246 -6.99 -12.16 -2.40
C TYR B 246 -5.89 -11.51 -3.27
N LEU B 247 -6.16 -11.27 -4.55
CA LEU B 247 -5.13 -10.75 -5.41
C LEU B 247 -4.88 -9.25 -5.19
N GLU B 248 -5.83 -8.61 -4.50
CA GLU B 248 -5.82 -7.16 -4.35
C GLU B 248 -4.55 -6.68 -3.62
N GLN B 249 -3.92 -7.59 -2.88
CA GLN B 249 -2.73 -7.28 -2.09
C GLN B 249 -1.48 -7.07 -2.93
N PHE B 250 -1.53 -7.47 -4.20
CA PHE B 250 -0.31 -7.59 -4.94
C PHE B 250 -0.13 -6.36 -5.79
N ASN B 251 1.14 -6.13 -6.11
CA ASN B 251 1.47 -4.97 -6.92
CA ASN B 251 1.56 -5.00 -6.93
C ASN B 251 1.18 -5.17 -8.40
N LEU B 252 0.91 -6.42 -8.82
CA LEU B 252 0.63 -6.65 -10.26
C LEU B 252 -0.22 -7.90 -10.31
N TYR B 253 -1.42 -7.82 -10.91
CA TYR B 253 -2.38 -8.89 -10.93
C TYR B 253 -3.46 -8.62 -11.98
N ALA B 254 -4.04 -9.71 -12.55
CA ALA B 254 -5.20 -9.56 -13.35
C ALA B 254 -6.44 -9.23 -12.59
N VAL B 255 -7.24 -8.38 -13.15
CA VAL B 255 -8.54 -8.15 -12.56
C VAL B 255 -9.57 -9.00 -13.30
N PHE B 256 -9.78 -10.21 -12.84
CA PHE B 256 -10.63 -11.14 -13.54
C PHE B 256 -12.11 -10.85 -13.37
N THR B 257 -12.83 -10.90 -14.47
CA THR B 257 -14.27 -10.82 -14.42
C THR B 257 -14.83 -12.21 -14.10
N LYS B 258 -16.15 -12.30 -13.89
CA LYS B 258 -16.75 -13.59 -13.65
C LYS B 258 -16.48 -14.49 -14.84
N GLU B 259 -16.61 -13.99 -16.08
CA GLU B 259 -16.47 -14.95 -17.15
CA GLU B 259 -16.45 -14.80 -17.27
C GLU B 259 -15.01 -15.30 -17.34
N GLU B 260 -14.10 -14.43 -16.90
CA GLU B 260 -12.70 -14.79 -16.94
C GLU B 260 -12.39 -15.84 -15.92
N ILE B 261 -13.05 -15.75 -14.77
CA ILE B 261 -12.95 -16.80 -13.81
C ILE B 261 -13.45 -18.13 -14.36
N ALA B 262 -14.67 -18.15 -14.89
CA ALA B 262 -15.16 -19.40 -15.56
C ALA B 262 -14.19 -19.97 -16.58
N HIS B 263 -13.65 -19.06 -17.43
CA HIS B 263 -12.73 -19.53 -18.46
C HIS B 263 -11.44 -20.11 -17.89
N TRP B 264 -10.78 -19.41 -16.98
CA TRP B 264 -9.42 -19.72 -16.56
C TRP B 264 -9.32 -20.83 -15.55
N PHE B 265 -10.46 -21.14 -14.94
CA PHE B 265 -10.50 -22.04 -13.79
C PHE B 265 -11.33 -23.32 -13.97
N LEU B 266 -12.43 -23.27 -14.75
CA LEU B 266 -13.26 -24.48 -14.80
C LEU B 266 -12.44 -25.64 -15.41
N PRO B 267 -12.43 -26.83 -14.75
CA PRO B 267 -11.44 -27.83 -15.09
C PRO B 267 -11.62 -28.44 -16.53
N ILE B 268 -10.51 -28.52 -17.22
CA ILE B 268 -10.40 -29.20 -18.51
C ILE B 268 -9.27 -30.22 -18.35
N GLU B 269 -9.56 -31.51 -18.59
CA GLU B 269 -8.63 -32.60 -18.38
C GLU B 269 -7.41 -32.44 -19.27
N ASN B 270 -6.24 -32.69 -18.68
CA ASN B 270 -4.94 -32.51 -19.26
C ASN B 270 -4.64 -31.09 -19.68
N VAL B 271 -5.42 -30.16 -19.11
CA VAL B 271 -5.21 -28.74 -19.42
C VAL B 271 -5.17 -27.86 -18.15
N ILE B 272 -6.28 -27.76 -17.43
CA ILE B 272 -6.38 -26.90 -16.26
C ILE B 272 -7.15 -27.66 -15.18
N TYR B 273 -6.59 -27.64 -13.97
CA TYR B 273 -7.20 -28.32 -12.83
C TYR B 273 -7.44 -27.28 -11.71
N THR B 274 -8.68 -27.19 -11.24
CA THR B 274 -8.97 -26.27 -10.11
C THR B 274 -9.83 -27.07 -9.14
N TYR B 275 -9.35 -27.10 -7.88
CA TYR B 275 -10.04 -27.76 -6.78
C TYR B 275 -10.51 -26.66 -5.79
N VAL B 276 -11.65 -26.90 -5.17
CA VAL B 276 -12.20 -25.98 -4.20
C VAL B 276 -12.78 -26.67 -2.93
N ASN B 277 -12.74 -25.91 -1.86
CA ASN B 277 -13.34 -26.26 -0.57
C ASN B 277 -14.52 -25.38 -0.31
N GLU B 278 -15.70 -26.00 -0.26
CA GLU B 278 -16.93 -25.27 -0.01
C GLU B 278 -17.29 -25.63 1.38
N GLU B 279 -17.47 -24.64 2.25
CA GLU B 279 -17.89 -24.87 3.61
C GLU B 279 -18.98 -23.87 3.94
N ASN B 280 -20.10 -24.37 4.48
CA ASN B 280 -21.22 -23.51 4.82
C ASN B 280 -21.63 -22.63 3.64
N GLY B 281 -21.68 -23.21 2.46
CA GLY B 281 -22.14 -22.56 1.24
C GLY B 281 -21.20 -21.59 0.52
N LYS B 282 -19.93 -21.54 0.95
CA LYS B 282 -18.96 -20.51 0.55
C LYS B 282 -17.67 -21.21 0.10
N ILE B 283 -17.02 -20.69 -0.94
CA ILE B 283 -15.78 -21.21 -1.38
C ILE B 283 -14.69 -20.54 -0.57
N LYS B 284 -14.09 -21.36 0.26
CA LYS B 284 -13.16 -20.89 1.28
C LYS B 284 -11.70 -21.15 1.02
N ASP B 285 -11.35 -22.12 0.15
CA ASP B 285 -9.99 -22.38 -0.27
C ASP B 285 -10.03 -22.85 -1.74
N MET B 286 -8.96 -22.61 -2.51
CA MET B 286 -8.81 -23.11 -3.87
C MET B 286 -7.42 -23.56 -4.16
N ILE B 287 -7.31 -24.53 -5.05
CA ILE B 287 -6.03 -25.00 -5.54
C ILE B 287 -6.17 -25.02 -7.07
N SER B 288 -5.21 -24.42 -7.80
CA SER B 288 -5.19 -24.68 -9.25
C SER B 288 -3.86 -24.85 -9.86
N PHE B 289 -3.77 -25.61 -10.97
CA PHE B 289 -2.49 -25.86 -11.64
C PHE B 289 -2.82 -26.33 -13.06
N TYR B 290 -1.93 -26.06 -14.00
CA TYR B 290 -2.16 -26.39 -15.40
C TYR B 290 -1.15 -27.41 -15.88
N SER B 291 -1.52 -28.11 -16.95
CA SER B 291 -0.65 -29.08 -17.55
C SER B 291 0.22 -28.52 -18.68
N LEU B 292 1.54 -28.67 -18.47
CA LEU B 292 2.48 -28.34 -19.49
C LEU B 292 3.62 -29.36 -19.60
N PRO B 293 3.43 -30.41 -20.50
CA PRO B 293 4.39 -31.43 -20.66
C PRO B 293 5.62 -30.87 -21.35
N SER B 294 6.76 -31.47 -21.03
CA SER B 294 7.93 -31.35 -21.89
C SER B 294 8.18 -32.59 -22.69
N GLN B 295 8.49 -32.38 -23.94
CA GLN B 295 8.98 -33.49 -24.71
C GLN B 295 10.43 -33.84 -24.26
N ILE B 296 10.72 -35.12 -24.05
CA ILE B 296 12.08 -35.56 -23.72
C ILE B 296 12.74 -35.92 -25.02
N LEU B 297 13.92 -35.37 -25.18
CA LEU B 297 14.65 -35.49 -26.41
C LEU B 297 15.82 -36.45 -26.27
N GLY B 298 15.75 -37.53 -27.01
CA GLY B 298 16.92 -38.40 -27.09
C GLY B 298 17.00 -39.37 -25.92
N ASN B 299 15.83 -39.76 -25.42
CA ASN B 299 15.71 -40.77 -24.40
C ASN B 299 14.87 -41.94 -24.91
N ASP B 300 15.51 -43.11 -24.99
CA ASP B 300 14.87 -44.34 -25.49
C ASP B 300 13.61 -44.74 -24.69
N LYS B 301 13.70 -44.56 -23.37
CA LYS B 301 12.68 -45.10 -22.47
C LYS B 301 11.54 -44.13 -22.30
N TYR B 302 11.87 -42.85 -22.16
CA TYR B 302 10.81 -41.88 -21.88
C TYR B 302 10.74 -40.86 -22.99
N SER B 303 9.53 -40.48 -23.42
CA SER B 303 9.41 -39.40 -24.37
C SER B 303 8.78 -38.14 -23.83
N THR B 304 8.04 -38.26 -22.71
CA THR B 304 7.25 -37.16 -22.21
C THR B 304 7.50 -36.98 -20.72
N LEU B 305 7.69 -35.74 -20.26
CA LEU B 305 7.73 -35.40 -18.83
C LEU B 305 6.38 -34.73 -18.55
N ASN B 306 5.58 -35.29 -17.64
CA ASN B 306 4.25 -34.77 -17.33
C ASN B 306 4.41 -33.83 -16.14
N ALA B 307 4.12 -32.55 -16.32
CA ALA B 307 4.47 -31.54 -15.34
C ALA B 307 3.27 -30.62 -15.05
N ALA B 308 2.92 -30.42 -13.76
CA ALA B 308 1.84 -29.56 -13.31
C ALA B 308 2.48 -28.21 -12.97
N TYR B 309 1.87 -27.11 -13.41
CA TYR B 309 2.38 -25.78 -13.03
C TYR B 309 1.45 -25.06 -12.11
N SER B 310 1.92 -24.67 -10.90
CA SER B 310 1.14 -23.88 -9.97
C SER B 310 0.53 -22.64 -10.59
N PHE B 311 -0.72 -22.45 -10.35
CA PHE B 311 -1.45 -21.31 -10.99
C PHE B 311 -1.91 -20.36 -9.91
N TYR B 312 -3.15 -20.45 -9.42
CA TYR B 312 -3.55 -19.61 -8.28
C TYR B 312 -4.08 -20.47 -7.12
N ASN B 313 -3.56 -20.16 -5.92
CA ASN B 313 -3.85 -20.96 -4.71
C ASN B 313 -4.20 -20.02 -3.54
N VAL B 314 -5.32 -20.31 -2.89
CA VAL B 314 -5.79 -19.40 -1.79
C VAL B 314 -6.34 -20.23 -0.67
N THR B 315 -5.92 -19.93 0.56
CA THR B 315 -6.47 -20.60 1.70
C THR B 315 -6.97 -19.61 2.76
N THR B 316 -8.13 -19.95 3.32
CA THR B 316 -8.65 -19.26 4.54
C THR B 316 -8.89 -20.21 5.68
N THR B 317 -9.01 -21.49 5.38
CA THR B 317 -9.29 -22.47 6.47
C THR B 317 -8.07 -23.37 6.92
N ALA B 318 -6.93 -23.23 6.26
CA ALA B 318 -5.66 -24.02 6.41
C ALA B 318 -4.50 -23.08 6.36
N THR B 319 -3.31 -23.59 6.60
CA THR B 319 -2.12 -22.75 6.39
C THR B 319 -1.78 -22.86 4.90
N PHE B 320 -1.01 -21.89 4.40
CA PHE B 320 -0.63 -21.96 2.99
C PHE B 320 0.16 -23.21 2.72
N LYS B 321 1.13 -23.52 3.57
CA LYS B 321 1.89 -24.76 3.52
C LYS B 321 0.94 -26.00 3.43
N GLN B 322 -0.16 -26.07 4.20
CA GLN B 322 -0.98 -27.26 4.06
C GLN B 322 -1.75 -27.22 2.74
N LEU B 323 -2.05 -25.99 2.28
CA LEU B 323 -2.75 -25.82 1.00
C LEU B 323 -1.90 -26.31 -0.13
N MET B 324 -0.63 -25.95 -0.09
CA MET B 324 0.31 -26.39 -1.13
C MET B 324 0.75 -27.83 -1.06
N GLN B 325 0.74 -28.42 0.15
CA GLN B 325 0.91 -29.88 0.26
C GLN B 325 -0.26 -30.62 -0.42
N ASP B 326 -1.48 -30.14 -0.20
CA ASP B 326 -2.63 -30.67 -0.96
C ASP B 326 -2.46 -30.49 -2.44
N ALA B 327 -1.90 -29.36 -2.88
CA ALA B 327 -1.83 -29.14 -4.31
C ALA B 327 -0.93 -30.26 -4.92
N ILE B 328 0.23 -30.50 -4.27
CA ILE B 328 1.18 -31.51 -4.66
C ILE B 328 0.45 -32.81 -4.76
N LEU B 329 -0.30 -33.18 -3.75
CA LEU B 329 -0.98 -34.48 -3.83
C LEU B 329 -1.97 -34.58 -4.98
N LEU B 330 -2.74 -33.50 -5.22
CA LEU B 330 -3.72 -33.50 -6.32
C LEU B 330 -2.98 -33.65 -7.65
N ALA B 331 -1.83 -32.98 -7.77
CA ALA B 331 -1.04 -33.18 -9.00
C ALA B 331 -0.60 -34.65 -9.08
N LYS B 332 -0.26 -35.25 -7.95
CA LYS B 332 0.25 -36.62 -7.96
C LYS B 332 -0.87 -37.60 -8.33
N ARG B 333 -2.05 -37.36 -7.78
CA ARG B 333 -3.26 -38.15 -8.13
C ARG B 333 -3.67 -38.08 -9.62
N ASN B 334 -3.23 -37.02 -10.28
CA ASN B 334 -3.49 -36.80 -11.69
C ASN B 334 -2.31 -37.19 -12.58
N ASN B 335 -1.36 -37.98 -12.04
CA ASN B 335 -0.32 -38.67 -12.83
C ASN B 335 0.74 -37.71 -13.34
N PHE B 336 0.88 -36.56 -12.68
CA PHE B 336 2.03 -35.70 -12.97
C PHE B 336 3.34 -36.17 -12.33
N ASP B 337 4.48 -35.95 -12.98
CA ASP B 337 5.81 -36.40 -12.54
C ASP B 337 6.47 -35.37 -11.62
N VAL B 338 6.06 -34.11 -11.75
CA VAL B 338 6.69 -32.95 -11.06
C VAL B 338 5.68 -31.86 -10.96
N PHE B 339 5.86 -31.00 -9.94
CA PHE B 339 4.97 -29.91 -9.68
C PHE B 339 5.88 -28.67 -9.61
N ASN B 340 5.67 -27.77 -10.55
CA ASN B 340 6.46 -26.54 -10.72
C ASN B 340 5.81 -25.31 -10.22
N ALA B 341 6.61 -24.39 -9.69
CA ALA B 341 6.05 -23.13 -9.21
C ALA B 341 7.12 -22.02 -9.30
N LEU B 342 6.59 -20.79 -9.31
CA LEU B 342 7.38 -19.59 -9.26
C LEU B 342 7.38 -19.02 -7.84
N GLU B 343 8.48 -18.38 -7.44
CA GLU B 343 8.51 -17.61 -6.18
C GLU B 343 7.67 -16.32 -6.23
N VAL B 344 6.43 -16.41 -6.75
CA VAL B 344 5.44 -15.29 -6.71
C VAL B 344 4.50 -15.43 -5.52
N MET B 345 3.67 -14.44 -5.27
CA MET B 345 2.68 -14.51 -4.21
C MET B 345 3.33 -15.06 -2.94
N GLN B 346 2.73 -16.11 -2.37
CA GLN B 346 3.19 -16.67 -1.09
C GLN B 346 4.08 -17.87 -1.25
N ASN B 347 4.31 -18.25 -2.48
CA ASN B 347 4.88 -19.53 -2.77
C ASN B 347 6.25 -19.74 -2.12
N LYS B 348 7.09 -18.75 -2.06
CA LYS B 348 8.45 -19.10 -1.66
C LYS B 348 8.50 -19.62 -0.21
N SER B 349 7.62 -19.04 0.60
CA SER B 349 7.52 -19.41 2.02
C SER B 349 7.28 -20.91 2.25
N VAL B 350 6.80 -21.69 1.24
CA VAL B 350 6.58 -23.15 1.47
C VAL B 350 7.61 -24.06 0.79
N PHE B 351 8.48 -23.51 -0.07
CA PHE B 351 9.36 -24.36 -0.95
C PHE B 351 10.28 -25.24 -0.14
N GLU B 352 10.85 -24.66 0.90
CA GLU B 352 11.87 -25.43 1.63
C GLU B 352 11.21 -26.58 2.42
N ASP B 353 10.15 -26.24 3.15
CA ASP B 353 9.32 -27.23 3.93
C ASP B 353 8.70 -28.37 3.08
N LEU B 354 8.29 -28.03 1.85
CA LEU B 354 7.61 -28.99 0.97
C LEU B 354 8.54 -29.64 -0.03
N LYS B 355 9.85 -29.41 0.19
CA LYS B 355 10.94 -30.09 -0.49
C LYS B 355 11.06 -29.72 -1.96
N PHE B 356 10.76 -28.45 -2.28
CA PHE B 356 11.01 -28.01 -3.64
C PHE B 356 12.55 -27.81 -3.85
N GLY B 357 13.03 -28.03 -5.08
CA GLY B 357 14.47 -27.78 -5.38
C GLY B 357 14.51 -26.56 -6.27
N GLU B 358 15.52 -25.70 -6.14
CA GLU B 358 15.57 -24.46 -6.96
C GLU B 358 15.99 -24.83 -8.37
N GLY B 359 15.40 -24.15 -9.37
CA GLY B 359 15.66 -24.51 -10.76
C GLY B 359 16.95 -23.89 -11.26
N ASP B 360 17.10 -23.85 -12.60
CA ASP B 360 18.27 -23.35 -13.32
C ASP B 360 18.27 -21.85 -13.65
N GLY B 361 17.14 -21.17 -13.48
CA GLY B 361 17.10 -19.74 -13.86
C GLY B 361 15.81 -19.15 -13.39
N SER B 362 15.37 -18.09 -14.06
CA SER B 362 14.27 -17.29 -13.56
C SER B 362 13.44 -16.82 -14.70
N LEU B 363 12.18 -16.58 -14.40
CA LEU B 363 11.25 -15.93 -15.29
C LEU B 363 11.06 -14.41 -15.02
N LYS B 364 11.24 -13.61 -16.05
CA LYS B 364 11.21 -12.20 -15.87
C LYS B 364 9.85 -11.71 -16.33
N TYR B 365 9.32 -10.71 -15.63
CA TYR B 365 8.02 -10.15 -15.91
C TYR B 365 8.31 -8.77 -16.48
N TYR B 366 7.65 -8.49 -17.59
CA TYR B 366 7.82 -7.29 -18.36
C TYR B 366 6.49 -6.54 -18.60
N LEU B 367 6.60 -5.21 -18.62
CA LEU B 367 5.49 -4.41 -19.17
C LEU B 367 5.96 -3.65 -20.43
N TYR B 368 5.03 -3.34 -21.33
CA TYR B 368 5.40 -2.52 -22.44
C TYR B 368 4.67 -1.22 -22.33
N ASN B 369 5.41 -0.13 -22.61
CA ASN B 369 4.89 1.21 -22.55
C ASN B 369 4.31 1.48 -21.16
N TRP B 370 5.10 1.09 -20.17
CA TRP B 370 4.73 1.36 -18.79
C TRP B 370 5.94 1.57 -17.99
N LYS B 371 5.94 2.70 -17.29
CA LYS B 371 7.05 2.98 -16.41
CA LYS B 371 7.04 3.08 -16.43
C LYS B 371 6.60 3.03 -14.94
N CYS B 372 7.35 2.28 -14.14
CA CYS B 372 7.00 2.05 -12.73
C CYS B 372 8.20 1.46 -12.00
N ALA B 373 8.10 1.46 -10.66
CA ALA B 373 9.12 0.78 -9.82
C ALA B 373 9.07 -0.78 -10.00
N SER B 374 10.25 -1.41 -10.04
CA SER B 374 10.36 -2.86 -9.93
C SER B 374 10.12 -3.29 -8.48
N PHE B 375 9.81 -4.57 -8.29
CA PHE B 375 9.46 -5.02 -6.98
C PHE B 375 9.84 -6.45 -6.91
N ALA B 376 10.02 -6.95 -5.68
CA ALA B 376 10.32 -8.39 -5.38
C ALA B 376 9.18 -9.33 -5.85
N PRO B 377 9.50 -10.55 -6.28
CA PRO B 377 8.48 -11.39 -6.83
C PRO B 377 7.33 -11.81 -5.89
N ALA B 378 7.55 -11.68 -4.55
CA ALA B 378 6.45 -11.84 -3.61
C ALA B 378 5.27 -10.87 -3.85
N HIS B 379 5.56 -9.78 -4.58
CA HIS B 379 4.56 -8.81 -4.83
C HIS B 379 3.90 -9.05 -6.17
N VAL B 380 4.34 -10.07 -6.91
CA VAL B 380 3.73 -10.43 -8.21
C VAL B 380 2.52 -11.34 -7.93
N GLY B 381 1.34 -10.96 -8.44
CA GLY B 381 0.08 -11.67 -8.21
C GLY B 381 -0.49 -12.27 -9.47
N ILE B 382 0.36 -12.55 -10.48
CA ILE B 382 -0.14 -13.06 -11.79
C ILE B 382 0.83 -14.10 -12.26
N VAL B 383 0.28 -15.18 -12.84
CA VAL B 383 1.01 -16.30 -13.40
C VAL B 383 0.57 -16.40 -14.84
N LEU B 384 1.52 -16.29 -15.79
CA LEU B 384 1.17 -16.53 -17.19
C LEU B 384 1.43 -17.91 -17.64
N LEU B 385 0.94 -18.27 -18.80
CA LEU B 385 0.97 -19.70 -19.17
C LEU B 385 2.27 -20.14 -19.82
N MET C 1 -15.66 20.70 27.17
CA MET C 1 -16.28 20.23 25.87
C MET C 1 -16.44 18.68 25.75
N ASP C 2 -17.68 18.21 25.48
CA ASP C 2 -17.98 16.76 25.44
C ASP C 2 -18.28 16.12 24.06
N TYR C 3 -19.18 16.72 23.29
CA TYR C 3 -19.79 16.09 22.08
C TYR C 3 -20.37 14.70 22.33
N LYS C 4 -21.40 14.68 23.13
CA LYS C 4 -22.00 13.43 23.55
C LYS C 4 -22.85 12.82 22.43
N PHE C 5 -23.39 13.68 21.56
CA PHE C 5 -23.95 13.08 20.34
C PHE C 5 -22.85 12.56 19.37
N TRP C 6 -21.91 13.42 19.03
CA TRP C 6 -20.87 13.09 18.05
C TRP C 6 -20.09 11.85 18.45
N TYR C 7 -19.90 11.66 19.75
CA TYR C 7 -19.31 10.41 20.36
CA TYR C 7 -19.19 10.46 20.16
C TYR C 7 -19.90 9.12 19.85
N THR C 8 -21.22 9.10 19.70
N THR C 8 -21.22 9.10 19.77
CA THR C 8 -21.98 7.94 19.24
CA THR C 8 -21.92 7.93 19.28
C THR C 8 -22.03 7.80 17.73
C THR C 8 -21.72 7.68 17.78
N GLN C 9 -21.42 8.72 17.02
CA GLN C 9 -21.40 8.64 15.54
C GLN C 9 -20.08 8.09 14.94
N PRO C 10 -20.13 7.47 13.72
CA PRO C 10 -18.83 7.02 13.11
C PRO C 10 -18.04 8.19 12.62
N VAL C 11 -17.53 8.97 13.56
CA VAL C 11 -16.56 10.01 13.17
C VAL C 11 -15.33 9.95 14.04
N PRO C 12 -14.29 10.75 13.69
CA PRO C 12 -13.13 10.71 14.61
C PRO C 12 -13.45 11.36 15.99
N LYS C 13 -12.70 10.93 16.98
CA LYS C 13 -12.78 11.57 18.27
C LYS C 13 -11.90 12.83 18.14
N ILE C 14 -12.14 13.85 18.99
CA ILE C 14 -11.57 15.21 18.82
C ILE C 14 -10.04 15.19 18.80
N ASN C 15 -9.43 14.20 19.41
CA ASN C 15 -7.97 14.16 19.42
C ASN C 15 -7.33 13.27 18.35
N ASP C 16 -8.15 12.47 17.67
CA ASP C 16 -7.67 11.47 16.73
C ASP C 16 -6.81 12.07 15.61
N GLU C 17 -5.73 11.36 15.24
CA GLU C 17 -4.98 11.67 14.01
C GLU C 17 -4.68 10.36 13.31
N PHE C 18 -4.63 10.38 12.00
CA PHE C 18 -4.50 9.15 11.27
C PHE C 18 -3.30 9.28 10.42
N ASN C 19 -2.60 8.16 10.23
CA ASN C 19 -1.50 8.21 9.30
C ASN C 19 -1.92 8.26 7.85
N GLU C 20 -0.96 8.71 7.05
CA GLU C 20 -1.22 8.96 5.62
CA GLU C 20 -1.26 8.99 5.65
C GLU C 20 -1.84 7.79 4.87
N SER C 21 -1.47 6.58 5.28
CA SER C 21 -1.81 5.32 4.61
C SER C 21 -3.24 4.86 4.98
N VAL C 22 -3.90 5.63 5.86
CA VAL C 22 -5.27 5.29 6.32
C VAL C 22 -6.31 6.08 5.57
N ASN C 23 -7.22 5.38 4.90
CA ASN C 23 -8.17 6.00 4.05
C ASN C 23 -9.34 5.04 3.82
N GLU C 24 -10.25 5.01 4.76
CA GLU C 24 -11.23 3.92 4.84
C GLU C 24 -12.43 4.33 5.70
N PRO C 25 -13.55 3.62 5.60
CA PRO C 25 -14.62 4.06 6.49
C PRO C 25 -14.38 3.63 7.97
N PHE C 26 -15.08 4.24 8.92
CA PHE C 26 -15.03 3.70 10.26
C PHE C 26 -15.83 2.39 10.29
N ILE C 27 -16.94 2.35 9.59
CA ILE C 27 -17.82 1.18 9.61
C ILE C 27 -18.13 0.77 8.16
N SER C 28 -17.74 -0.45 7.84
CA SER C 28 -17.89 -1.05 6.53
C SER C 28 -18.94 -2.17 6.56
N ASP C 29 -19.24 -2.67 5.37
CA ASP C 29 -20.22 -3.75 5.18
C ASP C 29 -21.54 -3.43 5.83
N ASN C 30 -22.01 -2.26 5.45
CA ASN C 30 -23.28 -1.80 5.86
C ASN C 30 -24.31 -2.45 4.97
N LYS C 31 -25.53 -2.53 5.48
CA LYS C 31 -26.58 -3.22 4.71
C LYS C 31 -27.89 -2.46 4.77
N VAL C 32 -28.36 -2.05 3.59
CA VAL C 32 -29.63 -1.34 3.45
C VAL C 32 -30.73 -2.11 4.17
N GLU C 33 -30.73 -3.44 4.04
CA GLU C 33 -31.87 -4.21 4.61
C GLU C 33 -32.02 -3.94 6.09
N ASP C 34 -30.88 -3.66 6.74
CA ASP C 34 -30.82 -3.41 8.20
C ASP C 34 -31.21 -2.02 8.69
N VAL C 35 -31.28 -1.04 7.79
CA VAL C 35 -31.49 0.36 8.22
C VAL C 35 -32.84 0.45 8.84
N ARG C 36 -32.97 1.32 9.87
CA ARG C 36 -34.25 1.63 10.49
C ARG C 36 -35.29 2.09 9.51
N LYS C 37 -36.46 1.44 9.54
CA LYS C 37 -37.50 1.81 8.60
C LYS C 37 -38.38 2.91 9.14
N ASP C 38 -38.21 3.26 10.43
CA ASP C 38 -39.04 4.27 11.14
C ASP C 38 -38.34 5.59 11.24
N GLU C 39 -39.08 6.66 10.96
CA GLU C 39 -38.62 8.04 11.32
C GLU C 39 -38.27 8.19 12.79
N TYR C 40 -37.19 8.91 13.05
CA TYR C 40 -36.86 9.26 14.41
C TYR C 40 -37.96 10.06 14.99
N LYS C 41 -38.05 9.97 16.31
CA LYS C 41 -39.11 10.51 17.09
C LYS C 41 -38.88 12.00 17.36
N LEU C 42 -39.95 12.77 17.20
CA LEU C 42 -39.87 14.20 17.52
C LEU C 42 -40.69 14.48 18.79
N PRO C 43 -40.46 15.62 19.44
CA PRO C 43 -41.24 15.91 20.62
C PRO C 43 -42.74 16.15 20.30
N PRO C 44 -43.58 16.13 21.35
CA PRO C 44 -45.02 16.19 21.07
C PRO C 44 -45.43 17.44 20.29
N GLY C 45 -46.23 17.25 19.23
CA GLY C 45 -46.74 18.35 18.43
C GLY C 45 -45.82 18.76 17.30
N TYR C 46 -44.76 17.96 17.09
CA TYR C 46 -43.78 18.18 16.01
C TYR C 46 -43.84 17.08 14.99
N SER C 47 -43.80 17.48 13.73
CA SER C 47 -43.96 16.53 12.63
CA SER C 47 -43.89 16.49 12.65
C SER C 47 -42.92 16.69 11.53
N TRP C 48 -42.46 15.57 10.99
CA TRP C 48 -41.62 15.57 9.78
C TRP C 48 -42.48 16.07 8.64
N TYR C 49 -41.83 16.75 7.68
CA TYR C 49 -42.52 17.33 6.56
C TYR C 49 -41.68 17.00 5.30
N VAL C 50 -42.36 16.62 4.24
CA VAL C 50 -41.67 16.30 2.98
C VAL C 50 -41.63 17.66 2.28
N CYS C 51 -40.44 18.25 2.20
CA CYS C 51 -40.31 19.54 1.50
C CYS C 51 -40.17 19.32 0.01
N ASP C 52 -41.13 19.84 -0.79
CA ASP C 52 -41.02 19.85 -2.23
C ASP C 52 -40.44 21.15 -2.72
N VAL C 53 -39.13 21.17 -2.99
N VAL C 53 -39.13 21.14 -2.98
CA VAL C 53 -38.48 22.44 -3.29
CA VAL C 53 -38.39 22.36 -3.30
C VAL C 53 -38.91 23.02 -4.65
C VAL C 53 -38.85 22.97 -4.65
N LYS C 54 -39.41 22.12 -5.49
CA LYS C 54 -39.95 22.52 -6.78
C LYS C 54 -41.30 23.19 -6.60
N ASP C 55 -41.89 23.04 -5.43
CA ASP C 55 -43.19 23.62 -5.18
C ASP C 55 -42.96 25.01 -4.59
N GLU C 56 -43.40 26.02 -5.33
CA GLU C 56 -43.18 27.41 -4.92
C GLU C 56 -43.47 27.60 -3.42
N LYS C 57 -44.61 27.10 -2.95
CA LYS C 57 -45.03 27.43 -1.59
C LYS C 57 -44.06 26.77 -0.61
N ASP C 58 -43.81 25.50 -0.79
CA ASP C 58 -42.86 24.79 0.05
C ASP C 58 -41.51 25.51 0.04
N ARG C 59 -41.08 25.95 -1.15
CA ARG C 59 -39.77 26.52 -1.25
C ARG C 59 -39.76 27.82 -0.46
N SER C 60 -40.87 28.58 -0.51
CA SER C 60 -40.87 29.84 0.24
C SER C 60 -40.84 29.64 1.73
N GLU C 61 -41.49 28.62 2.24
CA GLU C 61 -41.37 28.34 3.64
C GLU C 61 -39.90 27.97 4.06
N ILE C 62 -39.16 27.30 3.19
CA ILE C 62 -37.75 26.98 3.48
C ILE C 62 -37.00 28.27 3.51
N TYR C 63 -37.36 29.14 2.58
CA TYR C 63 -36.68 30.36 2.41
C TYR C 63 -36.88 31.18 3.68
N THR C 64 -38.12 31.23 4.17
CA THR C 64 -38.40 32.13 5.28
C THR C 64 -37.79 31.62 6.55
N LEU C 65 -37.85 30.31 6.76
CA LEU C 65 -37.10 29.72 7.86
C LEU C 65 -35.63 30.08 7.92
N LEU C 66 -34.97 29.94 6.80
CA LEU C 66 -33.55 30.24 6.75
C LEU C 66 -33.26 31.74 6.89
N THR C 67 -34.19 32.56 6.37
CA THR C 67 -33.89 33.97 6.33
C THR C 67 -33.87 34.50 7.76
N ASP C 68 -34.73 33.89 8.56
CA ASP C 68 -34.97 34.24 9.97
C ASP C 68 -34.07 33.50 10.96
N ASN C 69 -33.56 32.31 10.57
CA ASN C 69 -32.93 31.51 11.57
C ASN C 69 -31.58 30.92 11.16
N TYR C 70 -31.08 31.26 9.96
CA TYR C 70 -29.82 30.62 9.58
C TYR C 70 -28.56 31.28 10.18
N VAL C 71 -27.39 31.00 9.61
CA VAL C 71 -26.07 31.39 10.21
C VAL C 71 -25.87 32.94 10.39
N GLU C 72 -25.46 33.36 11.58
CA GLU C 72 -25.10 34.75 11.76
C GLU C 72 -23.62 34.85 12.06
N ASP C 73 -23.12 36.08 12.07
CA ASP C 73 -21.71 36.21 12.37
C ASP C 73 -21.64 36.13 13.87
N ASP C 74 -20.41 35.95 14.38
CA ASP C 74 -20.12 35.85 15.82
CA ASP C 74 -20.15 35.84 15.82
C ASP C 74 -20.62 37.06 16.61
N ASP C 75 -20.83 38.18 15.93
CA ASP C 75 -21.28 39.42 16.57
C ASP C 75 -22.70 39.85 16.23
N ASN C 76 -23.44 38.94 15.60
CA ASN C 76 -24.89 39.10 15.32
C ASN C 76 -25.31 40.37 14.57
N ILE C 77 -24.46 40.79 13.66
CA ILE C 77 -24.78 41.92 12.76
C ILE C 77 -25.15 41.46 11.29
N PHE C 78 -24.77 40.25 10.89
CA PHE C 78 -25.21 39.73 9.57
C PHE C 78 -25.87 38.36 9.70
N ARG C 79 -26.75 38.06 8.77
CA ARG C 79 -27.30 36.71 8.69
C ARG C 79 -27.38 36.30 7.21
N PHE C 80 -26.87 35.11 6.90
CA PHE C 80 -26.91 34.62 5.52
C PHE C 80 -28.34 34.59 4.98
N ASN C 81 -28.52 34.97 3.71
CA ASN C 81 -29.86 35.09 3.14
C ASN C 81 -29.87 34.42 1.78
N TYR C 82 -29.76 33.09 1.75
CA TYR C 82 -29.86 32.41 0.53
C TYR C 82 -31.24 32.68 -0.07
N SER C 83 -31.25 32.91 -1.38
CA SER C 83 -32.50 33.24 -2.06
C SER C 83 -33.33 31.98 -2.33
N ALA C 84 -34.61 32.17 -2.61
CA ALA C 84 -35.49 30.99 -2.93
C ALA C 84 -34.95 30.32 -4.20
N GLU C 85 -34.58 31.15 -5.17
CA GLU C 85 -34.09 30.61 -6.43
C GLU C 85 -32.74 29.92 -6.19
N PHE C 86 -31.92 30.38 -5.27
CA PHE C 86 -30.66 29.72 -4.98
C PHE C 86 -30.97 28.34 -4.42
N LEU C 87 -31.94 28.31 -3.52
CA LEU C 87 -32.36 27.06 -2.85
C LEU C 87 -32.84 25.97 -3.85
N LEU C 88 -33.59 26.39 -4.85
CA LEU C 88 -34.01 25.50 -5.91
C LEU C 88 -32.80 24.92 -6.64
N TRP C 89 -31.83 25.79 -6.93
CA TRP C 89 -30.60 25.38 -7.54
C TRP C 89 -29.76 24.47 -6.71
N ALA C 90 -29.58 24.79 -5.44
CA ALA C 90 -28.68 23.99 -4.57
C ALA C 90 -29.26 22.59 -4.33
N LEU C 91 -30.57 22.51 -4.42
CA LEU C 91 -31.22 21.28 -3.99
C LEU C 91 -31.73 20.28 -5.04
N THR C 92 -31.75 20.71 -6.29
CA THR C 92 -32.23 19.96 -7.42
C THR C 92 -31.14 19.58 -8.41
N SER C 93 -29.94 19.30 -7.89
CA SER C 93 -28.86 18.75 -8.75
C SER C 93 -29.16 17.36 -9.25
N PRO C 94 -28.46 16.88 -10.28
CA PRO C 94 -28.86 15.60 -10.87
C PRO C 94 -28.98 14.48 -9.88
N ASN C 95 -30.04 13.67 -10.08
CA ASN C 95 -30.36 12.46 -9.33
C ASN C 95 -30.63 12.78 -7.87
N TYR C 96 -31.09 14.02 -7.59
CA TYR C 96 -31.33 14.40 -6.23
C TYR C 96 -32.52 13.56 -5.72
N LEU C 97 -32.63 13.44 -4.41
CA LEU C 97 -33.67 12.60 -3.82
C LEU C 97 -34.59 13.50 -3.03
N LYS C 98 -35.90 13.43 -3.27
CA LYS C 98 -36.82 14.28 -2.58
C LYS C 98 -36.92 13.93 -1.07
N THR C 99 -36.56 12.67 -0.79
CA THR C 99 -36.50 12.12 0.59
C THR C 99 -35.44 12.83 1.43
N TRP C 100 -34.46 13.50 0.78
CA TRP C 100 -33.38 14.14 1.46
C TRP C 100 -33.53 15.64 1.65
N HIS C 101 -34.69 16.23 1.31
CA HIS C 101 -35.09 17.58 1.71
C HIS C 101 -36.09 17.50 2.82
N ILE C 102 -35.63 17.68 4.07
CA ILE C 102 -36.47 17.26 5.22
C ILE C 102 -36.85 18.44 6.11
N GLY C 103 -38.13 18.78 6.30
CA GLY C 103 -38.36 19.87 7.29
C GLY C 103 -39.00 19.21 8.48
N VAL C 104 -39.18 20.03 9.53
CA VAL C 104 -39.93 19.70 10.73
C VAL C 104 -40.89 20.85 10.92
N LYS C 105 -42.17 20.53 11.05
CA LYS C 105 -43.17 21.54 11.31
C LYS C 105 -43.71 21.44 12.73
N TYR C 106 -44.09 22.58 13.29
CA TYR C 106 -44.88 22.53 14.50
C TYR C 106 -46.34 22.45 14.14
N ASP C 107 -47.06 21.50 14.74
CA ASP C 107 -48.39 21.19 14.23
C ASP C 107 -49.34 22.36 14.52
N ALA C 108 -49.07 23.12 15.57
CA ALA C 108 -50.06 24.07 16.06
C ALA C 108 -50.10 25.26 15.14
N SER C 109 -48.97 25.54 14.51
CA SER C 109 -48.92 26.68 13.53
C SER C 109 -48.82 26.23 12.09
N ASN C 110 -48.44 24.97 11.90
CA ASN C 110 -48.21 24.43 10.55
C ASN C 110 -47.08 25.18 9.82
N LYS C 111 -46.16 25.73 10.61
CA LYS C 111 -44.96 26.41 10.10
C LYS C 111 -43.72 25.55 10.29
N LEU C 112 -42.74 25.77 9.43
CA LEU C 112 -41.49 25.05 9.48
C LEU C 112 -40.66 25.59 10.62
N ILE C 113 -40.11 24.71 11.47
CA ILE C 113 -39.24 25.22 12.49
C ILE C 113 -37.89 24.55 12.41
N GLY C 114 -37.75 23.62 11.45
CA GLY C 114 -36.41 23.09 11.20
C GLY C 114 -36.34 22.49 9.81
N PHE C 115 -35.08 22.30 9.43
CA PHE C 115 -34.70 21.89 8.06
C PHE C 115 -33.34 21.19 8.01
N ILE C 116 -33.22 20.16 7.15
CA ILE C 116 -31.90 19.67 6.80
C ILE C 116 -31.96 19.09 5.37
N SER C 117 -30.87 19.18 4.66
CA SER C 117 -30.86 18.71 3.25
C SER C 117 -29.57 18.03 2.91
N ALA C 118 -29.64 17.20 1.87
CA ALA C 118 -28.45 16.59 1.25
C ALA C 118 -28.81 16.41 -0.16
N ILE C 119 -27.73 16.44 -0.97
CA ILE C 119 -27.71 15.96 -2.35
CA ILE C 119 -27.71 15.97 -2.36
C ILE C 119 -26.58 14.92 -2.56
N PRO C 120 -26.72 14.02 -3.53
CA PRO C 120 -25.65 13.02 -3.75
C PRO C 120 -24.55 13.47 -4.75
N THR C 121 -23.33 13.06 -4.47
CA THR C 121 -22.19 13.49 -5.23
C THR C 121 -21.19 12.39 -5.10
N ASP C 122 -20.40 12.18 -6.14
CA ASP C 122 -19.19 11.33 -5.96
C ASP C 122 -18.05 12.20 -5.48
N ILE C 123 -17.44 11.72 -4.42
CA ILE C 123 -16.35 12.48 -3.79
C ILE C 123 -15.10 11.69 -3.79
N CYS C 124 -14.06 12.28 -4.38
CA CYS C 124 -12.74 11.64 -4.33
C CYS C 124 -11.93 12.14 -3.10
N ILE C 125 -11.68 11.23 -2.15
CA ILE C 125 -10.91 11.60 -0.98
C ILE C 125 -9.62 10.78 -1.01
N HIS C 126 -8.47 11.44 -0.99
CA HIS C 126 -7.17 10.68 -1.05
C HIS C 126 -7.16 9.54 -2.12
N LYS C 127 -7.67 9.86 -3.31
CA LYS C 127 -7.62 8.98 -4.50
C LYS C 127 -8.61 7.79 -4.46
N ARG C 128 -9.50 7.77 -3.47
CA ARG C 128 -10.64 6.83 -3.54
C ARG C 128 -11.91 7.64 -3.78
N THR C 129 -12.69 7.20 -4.73
CA THR C 129 -13.92 7.88 -5.07
C THR C 129 -15.06 7.13 -4.45
N ILE C 130 -15.83 7.85 -3.61
CA ILE C 130 -16.90 7.18 -2.84
C ILE C 130 -18.20 7.95 -3.18
N LYS C 131 -19.33 7.26 -3.34
CA LYS C 131 -20.59 8.02 -3.44
C LYS C 131 -20.95 8.55 -2.09
N MET C 132 -21.22 9.87 -2.06
CA MET C 132 -21.55 10.53 -0.78
C MET C 132 -22.79 11.42 -0.77
N ALA C 133 -23.23 11.77 0.44
CA ALA C 133 -24.23 12.83 0.61
C ALA C 133 -23.55 14.14 1.02
N GLU C 134 -23.83 15.19 0.30
CA GLU C 134 -23.35 16.51 0.69
C GLU C 134 -24.48 17.21 1.41
N VAL C 135 -24.27 17.43 2.73
CA VAL C 135 -25.29 17.89 3.65
C VAL C 135 -25.14 19.39 3.83
N ASN C 136 -26.26 20.12 3.80
CA ASN C 136 -26.27 21.57 3.96
C ASN C 136 -27.60 22.02 4.48
N PHE C 137 -27.66 23.29 4.93
CA PHE C 137 -28.84 24.03 5.32
C PHE C 137 -29.47 23.51 6.58
N LEU C 138 -28.72 22.82 7.45
CA LEU C 138 -29.29 22.47 8.79
C LEU C 138 -29.70 23.71 9.55
N CYS C 139 -30.94 23.78 10.03
CA CYS C 139 -31.45 25.00 10.69
C CYS C 139 -32.53 24.56 11.68
N VAL C 140 -32.48 25.06 12.91
CA VAL C 140 -33.57 24.95 13.89
C VAL C 140 -33.94 26.36 14.23
N HIS C 141 -35.22 26.64 14.19
CA HIS C 141 -35.71 27.91 14.66
C HIS C 141 -35.06 28.47 15.91
N LYS C 142 -34.90 29.79 15.97
CA LYS C 142 -34.21 30.43 17.06
C LYS C 142 -34.81 30.23 18.41
N THR C 143 -36.10 30.02 18.43
CA THR C 143 -36.78 29.79 19.66
C THR C 143 -36.70 28.32 20.10
N LEU C 144 -36.12 27.42 19.29
CA LEU C 144 -35.96 25.98 19.65
C LEU C 144 -34.57 25.52 19.81
N ARG C 145 -33.67 26.47 20.13
CA ARG C 145 -32.27 26.12 20.26
C ARG C 145 -31.90 25.36 21.53
N SER C 146 -30.84 24.61 21.43
CA SER C 146 -30.28 23.81 22.49
C SER C 146 -31.28 22.86 23.16
N LYS C 147 -32.04 22.16 22.34
CA LYS C 147 -33.06 21.24 22.84
C LYS C 147 -32.75 19.86 22.28
N ARG C 148 -31.55 19.68 21.72
CA ARG C 148 -31.23 18.41 21.08
C ARG C 148 -32.16 18.07 19.93
N LEU C 149 -32.68 19.09 19.23
CA LEU C 149 -33.34 18.82 17.97
C LEU C 149 -32.36 18.48 16.81
N ALA C 150 -31.17 19.11 16.83
CA ALA C 150 -30.32 18.96 15.65
C ALA C 150 -29.90 17.46 15.48
N PRO C 151 -29.54 16.72 16.58
CA PRO C 151 -29.19 15.32 16.32
C PRO C 151 -30.36 14.51 15.74
N VAL C 152 -31.60 14.88 16.06
CA VAL C 152 -32.77 14.26 15.43
C VAL C 152 -32.76 14.44 13.90
N LEU C 153 -32.63 15.69 13.43
CA LEU C 153 -32.49 16.04 12.04
C LEU C 153 -31.32 15.25 11.46
N ILE C 154 -30.22 15.23 12.20
CA ILE C 154 -29.03 14.52 11.65
C ILE C 154 -29.17 13.00 11.60
N LYS C 155 -29.73 12.43 12.63
CA LYS C 155 -29.96 10.99 12.55
C LYS C 155 -31.01 10.61 11.49
N GLU C 156 -32.01 11.45 11.32
CA GLU C 156 -33.05 11.09 10.33
C GLU C 156 -32.51 11.11 8.85
N ILE C 157 -31.85 12.22 8.49
CA ILE C 157 -31.24 12.25 7.16
C ILE C 157 -30.22 11.12 7.00
N THR C 158 -29.42 10.75 8.01
CA THR C 158 -28.52 9.61 7.83
C THR C 158 -29.27 8.40 7.44
N ARG C 159 -30.42 8.18 8.12
CA ARG C 159 -31.24 7.00 7.85
C ARG C 159 -31.74 7.00 6.37
N ARG C 160 -32.12 8.18 5.90
CA ARG C 160 -32.70 8.26 4.58
C ARG C 160 -31.68 8.17 3.49
N ILE C 161 -30.49 8.63 3.90
CA ILE C 161 -29.27 8.44 3.04
C ILE C 161 -28.91 6.94 2.98
N ASN C 162 -28.97 6.25 4.11
CA ASN C 162 -28.51 4.82 4.14
C ASN C 162 -29.46 4.02 3.33
N LEU C 163 -30.74 4.44 3.31
CA LEU C 163 -31.72 3.81 2.37
C LEU C 163 -31.34 3.86 0.88
N GLU C 164 -30.42 4.74 0.52
CA GLU C 164 -29.83 4.74 -0.86
C GLU C 164 -28.49 3.96 -0.98
N ASN C 165 -28.19 3.11 0.00
CA ASN C 165 -26.90 2.44 0.17
C ASN C 165 -25.76 3.40 0.10
N ILE C 166 -25.87 4.54 0.80
CA ILE C 166 -24.83 5.56 0.81
C ILE C 166 -24.52 5.74 2.29
N TRP C 167 -23.23 5.67 2.66
CA TRP C 167 -22.76 5.49 4.04
C TRP C 167 -21.65 6.47 4.39
N GLN C 168 -21.37 7.43 3.50
CA GLN C 168 -20.47 8.56 3.81
C GLN C 168 -21.13 9.90 3.45
N ALA C 169 -20.68 10.96 4.05
CA ALA C 169 -21.23 12.28 3.74
C ALA C 169 -20.13 13.33 3.94
N ILE C 170 -20.33 14.46 3.30
CA ILE C 170 -19.39 15.60 3.43
C ILE C 170 -20.23 16.77 3.91
N TYR C 171 -19.64 17.56 4.79
CA TYR C 171 -20.35 18.73 5.30
C TYR C 171 -19.31 19.79 5.71
N THR C 172 -19.72 21.03 5.84
CA THR C 172 -18.85 22.05 6.40
C THR C 172 -19.54 22.80 7.52
N ALA C 173 -18.73 23.40 8.37
CA ALA C 173 -19.32 24.28 9.35
C ALA C 173 -18.23 25.21 9.81
N GLY C 174 -18.64 26.38 10.26
CA GLY C 174 -17.79 27.29 11.00
C GLY C 174 -17.44 26.89 12.43
N VAL C 175 -18.26 26.08 13.08
CA VAL C 175 -17.96 25.60 14.43
C VAL C 175 -17.02 24.40 14.39
N TYR C 176 -16.19 24.27 15.43
CA TYR C 176 -15.24 23.17 15.57
C TYR C 176 -15.95 21.99 16.20
N LEU C 177 -16.01 20.88 15.45
CA LEU C 177 -16.65 19.61 15.80
C LEU C 177 -15.72 18.45 15.58
N PRO C 178 -16.05 17.24 16.11
CA PRO C 178 -15.12 16.16 15.75
C PRO C 178 -15.32 15.60 14.32
N LYS C 179 -14.27 15.56 13.47
CA LYS C 179 -13.04 16.34 13.61
C LYS C 179 -12.74 16.77 12.15
N PRO C 180 -12.28 18.00 11.91
CA PRO C 180 -11.99 18.39 10.51
C PRO C 180 -10.99 17.51 9.82
N VAL C 181 -11.28 17.31 8.54
CA VAL C 181 -10.27 16.76 7.63
C VAL C 181 -9.46 17.92 7.05
N SER C 182 -10.07 19.10 7.02
CA SER C 182 -9.31 20.31 6.68
C SER C 182 -10.00 21.53 7.23
N ASP C 183 -9.23 22.62 7.32
CA ASP C 183 -9.67 23.91 7.86
C ASP C 183 -9.27 25.01 6.94
N ALA C 184 -10.24 25.79 6.47
CA ALA C 184 -9.86 26.89 5.60
C ALA C 184 -10.34 28.23 6.01
N ARG C 185 -9.37 29.11 6.22
CA ARG C 185 -9.69 30.49 6.55
C ARG C 185 -10.38 31.14 5.39
N TYR C 186 -11.20 32.09 5.74
CA TYR C 186 -11.88 32.86 4.72
C TYR C 186 -11.31 34.24 4.61
N TYR C 187 -11.32 34.73 3.39
CA TYR C 187 -10.78 36.07 3.07
C TYR C 187 -11.82 36.86 2.25
N HIS C 188 -11.73 38.18 2.27
CA HIS C 188 -12.67 39.04 1.53
C HIS C 188 -12.00 40.16 0.79
N ARG C 189 -12.38 40.39 -0.47
N ARG C 189 -12.42 40.39 -0.44
CA ARG C 189 -11.94 41.59 -1.22
CA ARG C 189 -11.98 41.56 -1.21
C ARG C 189 -13.08 42.60 -1.27
C ARG C 189 -13.10 42.59 -1.26
N SER C 190 -12.96 43.75 -0.61
CA SER C 190 -14.06 44.76 -0.68
C SER C 190 -14.17 45.33 -2.09
N ILE C 191 -15.40 45.47 -2.53
CA ILE C 191 -15.72 46.10 -3.79
C ILE C 191 -16.39 47.45 -3.52
N ASN C 192 -17.43 47.45 -2.72
CA ASN C 192 -18.14 48.70 -2.43
CA ASN C 192 -18.09 48.70 -2.43
C ASN C 192 -17.77 49.18 -1.04
N VAL C 193 -16.58 49.74 -0.99
CA VAL C 193 -15.92 50.23 0.18
C VAL C 193 -16.80 51.15 0.98
N LYS C 194 -17.52 52.07 0.31
CA LYS C 194 -18.36 53.05 1.04
C LYS C 194 -19.40 52.37 1.92
N LYS C 195 -19.96 51.29 1.41
CA LYS C 195 -20.93 50.50 2.16
C LYS C 195 -20.26 49.57 3.21
N LEU C 196 -19.18 48.92 2.84
CA LEU C 196 -18.50 48.00 3.79
C LEU C 196 -18.04 48.67 5.10
N ILE C 197 -17.47 49.86 4.97
CA ILE C 197 -17.32 50.75 6.10
C ILE C 197 -18.65 50.97 6.85
N GLU C 198 -19.64 51.51 6.14
CA GLU C 198 -20.84 52.00 6.79
C GLU C 198 -21.47 50.94 7.72
N ILE C 199 -21.46 49.68 7.26
CA ILE C 199 -22.11 48.53 7.95
C ILE C 199 -21.28 47.76 8.99
N GLY C 200 -19.95 47.82 8.92
CA GLY C 200 -19.10 47.14 9.92
C GLY C 200 -18.55 45.76 9.56
N PHE C 201 -18.19 45.58 8.29
CA PHE C 201 -17.83 44.28 7.74
CA PHE C 201 -17.83 44.27 7.75
C PHE C 201 -16.52 43.69 8.28
N VAL C 219 -10.55 50.17 -9.08
CA VAL C 219 -10.31 49.02 -9.95
C VAL C 219 -10.51 49.28 -11.47
N GLU C 220 -9.58 48.84 -12.28
CA GLU C 220 -9.71 49.07 -13.76
C GLU C 220 -10.84 48.24 -14.44
N ASP C 221 -11.78 48.93 -15.09
CA ASP C 221 -12.91 48.23 -15.76
C ASP C 221 -12.48 47.53 -17.08
N THR C 222 -11.31 46.92 -17.09
CA THR C 222 -10.89 46.10 -18.23
C THR C 222 -10.35 44.74 -17.79
N LEU C 223 -10.88 43.71 -18.44
CA LEU C 223 -10.41 42.31 -18.23
C LEU C 223 -9.00 41.99 -18.69
N ASN C 224 -8.28 41.19 -17.91
CA ASN C 224 -7.03 40.61 -18.36
C ASN C 224 -7.25 39.58 -19.43
N ILE C 225 -8.37 38.86 -19.33
CA ILE C 225 -8.72 37.90 -20.36
C ILE C 225 -9.91 38.50 -21.11
N LYS C 226 -9.60 39.21 -22.22
CA LYS C 226 -10.63 40.01 -22.94
C LYS C 226 -11.90 39.23 -23.34
N ASN C 227 -11.77 37.96 -23.70
CA ASN C 227 -12.96 37.20 -24.18
C ASN C 227 -13.70 36.39 -23.14
N MET C 228 -13.52 36.69 -21.86
CA MET C 228 -14.29 36.05 -20.79
C MET C 228 -15.82 36.31 -21.04
N ARG C 229 -16.61 35.29 -21.27
CA ARG C 229 -18.03 35.52 -21.43
C ARG C 229 -18.83 34.52 -20.65
N LEU C 230 -20.13 34.74 -20.62
CA LEU C 230 -21.01 33.95 -19.78
C LEU C 230 -21.06 32.60 -20.42
N MET C 231 -21.03 31.54 -19.62
CA MET C 231 -20.98 30.19 -20.13
C MET C 231 -22.32 29.88 -20.77
N LYS C 232 -22.26 29.13 -21.87
N LYS C 232 -22.28 29.15 -21.88
CA LYS C 232 -23.41 28.61 -22.54
CA LYS C 232 -23.46 28.71 -22.58
C LYS C 232 -23.42 27.10 -22.56
C LYS C 232 -23.44 27.18 -22.60
N LYS C 233 -24.58 26.55 -22.91
CA LYS C 233 -24.76 25.09 -22.93
C LYS C 233 -23.80 24.39 -23.85
N LYS C 234 -23.50 25.04 -24.96
CA LYS C 234 -22.49 24.51 -25.86
C LYS C 234 -21.11 24.32 -25.22
N ASP C 235 -20.84 25.06 -24.12
CA ASP C 235 -19.55 24.97 -23.40
C ASP C 235 -19.44 23.86 -22.32
N VAL C 236 -20.53 23.14 -21.99
CA VAL C 236 -20.47 22.10 -20.95
C VAL C 236 -19.31 21.09 -21.15
N GLU C 237 -19.09 20.56 -22.36
CA GLU C 237 -18.11 19.49 -22.41
CA GLU C 237 -18.11 19.49 -22.50
C GLU C 237 -16.73 20.07 -22.23
N GLY C 238 -16.50 21.29 -22.68
CA GLY C 238 -15.16 21.83 -22.47
C GLY C 238 -14.89 22.31 -21.04
N VAL C 239 -15.92 22.82 -20.39
CA VAL C 239 -15.83 23.10 -18.96
C VAL C 239 -15.62 21.79 -18.17
N HIS C 240 -16.34 20.71 -18.55
CA HIS C 240 -16.22 19.40 -17.88
C HIS C 240 -14.79 18.98 -17.96
N LYS C 241 -14.25 19.02 -19.19
CA LYS C 241 -12.92 18.52 -19.45
C LYS C 241 -11.90 19.39 -18.72
N LEU C 242 -12.04 20.72 -18.81
CA LEU C 242 -11.16 21.65 -18.10
C LEU C 242 -11.15 21.57 -16.56
N LEU C 243 -12.33 21.62 -15.94
CA LEU C 243 -12.44 21.49 -14.49
C LEU C 243 -12.10 20.09 -14.08
N GLY C 244 -12.62 19.09 -14.78
CA GLY C 244 -12.38 17.72 -14.36
C GLY C 244 -10.89 17.47 -14.25
N SER C 245 -10.14 17.75 -15.31
CA SER C 245 -8.72 17.48 -15.29
CA SER C 245 -8.72 17.44 -15.25
C SER C 245 -8.08 18.26 -14.15
N TYR C 246 -8.51 19.49 -13.98
CA TYR C 246 -7.94 20.33 -12.94
C TYR C 246 -8.11 19.82 -11.51
N LEU C 247 -9.25 19.19 -11.24
CA LEU C 247 -9.59 18.85 -9.88
C LEU C 247 -8.78 17.63 -9.45
N GLU C 248 -8.31 16.86 -10.42
CA GLU C 248 -7.65 15.61 -10.10
C GLU C 248 -6.40 15.70 -9.20
N GLN C 249 -5.80 16.88 -9.07
CA GLN C 249 -4.59 17.07 -8.32
C GLN C 249 -4.84 17.15 -6.82
N PHE C 250 -6.10 17.38 -6.45
CA PHE C 250 -6.45 17.73 -5.07
C PHE C 250 -6.66 16.49 -4.23
N ASN C 251 -6.60 16.64 -2.92
CA ASN C 251 -6.86 15.51 -1.95
C ASN C 251 -8.35 15.27 -1.68
N LEU C 252 -9.19 16.21 -2.07
CA LEU C 252 -10.59 16.04 -1.86
C LEU C 252 -11.30 16.88 -2.88
N TYR C 253 -12.14 16.21 -3.68
CA TYR C 253 -12.89 16.91 -4.73
C TYR C 253 -14.12 16.15 -5.17
N ALA C 254 -15.03 16.88 -5.77
CA ALA C 254 -16.18 16.20 -6.40
C ALA C 254 -15.78 15.74 -7.78
N VAL C 255 -16.19 14.54 -8.12
CA VAL C 255 -15.89 13.98 -9.45
C VAL C 255 -17.17 14.25 -10.25
N PHE C 256 -17.22 15.39 -10.95
CA PHE C 256 -18.42 15.87 -11.63
C PHE C 256 -18.70 15.17 -12.97
N THR C 257 -19.95 14.75 -13.18
CA THR C 257 -20.40 14.25 -14.46
C THR C 257 -20.69 15.42 -15.40
N LYS C 258 -20.91 15.15 -16.70
CA LYS C 258 -21.28 16.22 -17.64
C LYS C 258 -22.57 16.87 -17.17
N GLU C 259 -23.50 16.08 -16.65
CA GLU C 259 -24.76 16.57 -16.25
C GLU C 259 -24.60 17.49 -15.05
N GLU C 260 -23.65 17.14 -14.15
CA GLU C 260 -23.45 18.01 -12.97
C GLU C 260 -22.72 19.28 -13.33
N ILE C 261 -21.74 19.22 -14.27
CA ILE C 261 -21.18 20.43 -14.85
C ILE C 261 -22.31 21.36 -15.36
N ALA C 262 -23.26 20.85 -16.14
CA ALA C 262 -24.41 21.67 -16.64
C ALA C 262 -25.19 22.31 -15.50
N HIS C 263 -25.51 21.48 -14.52
CA HIS C 263 -26.24 22.04 -13.41
C HIS C 263 -25.47 23.05 -12.63
N TRP C 264 -24.22 22.75 -12.23
CA TRP C 264 -23.50 23.59 -11.27
C TRP C 264 -22.94 24.83 -11.84
N PHE C 265 -22.80 24.91 -13.18
CA PHE C 265 -22.19 26.07 -13.75
C PHE C 265 -22.96 26.89 -14.74
N LEU C 266 -24.01 26.35 -15.32
CA LEU C 266 -24.71 27.18 -16.31
C LEU C 266 -25.42 28.34 -15.67
N PRO C 267 -25.21 29.54 -16.20
CA PRO C 267 -25.44 30.66 -15.30
C PRO C 267 -26.92 30.92 -15.08
N ILE C 268 -27.24 31.29 -13.82
CA ILE C 268 -28.58 31.72 -13.37
C ILE C 268 -28.44 33.06 -12.66
N GLU C 269 -29.13 34.10 -13.18
N GLU C 269 -29.16 34.10 -13.17
CA GLU C 269 -29.05 35.49 -12.66
CA GLU C 269 -29.09 35.47 -12.65
C GLU C 269 -29.26 35.42 -11.18
C GLU C 269 -29.26 35.40 -11.16
N ASN C 270 -28.37 36.10 -10.44
CA ASN C 270 -28.40 36.21 -8.95
C ASN C 270 -28.32 34.89 -8.23
N VAL C 271 -27.84 33.86 -8.94
CA VAL C 271 -27.53 32.60 -8.24
C VAL C 271 -26.11 32.14 -8.50
N ILE C 272 -25.83 31.85 -9.81
CA ILE C 272 -24.55 31.28 -10.19
C ILE C 272 -24.02 31.99 -11.45
N TYR C 273 -22.74 32.32 -11.43
CA TYR C 273 -22.06 33.05 -12.56
C TYR C 273 -20.85 32.29 -12.99
N THR C 274 -20.86 31.87 -14.28
CA THR C 274 -19.77 31.15 -14.85
C THR C 274 -19.43 31.82 -16.18
N TYR C 275 -18.13 32.10 -16.28
CA TYR C 275 -17.50 32.76 -17.44
C TYR C 275 -16.40 31.91 -17.99
N VAL C 276 -16.32 31.85 -19.31
CA VAL C 276 -15.30 31.05 -19.90
C VAL C 276 -14.56 31.85 -20.99
N ASN C 277 -13.33 31.45 -21.20
CA ASN C 277 -12.61 31.92 -22.32
C ASN C 277 -12.50 30.83 -23.30
N GLU C 278 -13.10 31.03 -24.49
CA GLU C 278 -13.01 30.04 -25.58
C GLU C 278 -11.97 30.50 -26.62
N GLU C 279 -10.91 29.71 -26.77
CA GLU C 279 -9.84 30.05 -27.68
CA GLU C 279 -9.78 30.04 -27.65
C GLU C 279 -9.55 28.91 -28.63
N ASN C 280 -9.66 29.18 -29.94
CA ASN C 280 -9.38 28.20 -30.99
C ASN C 280 -10.19 26.91 -30.72
N GLY C 281 -11.51 27.04 -30.52
CA GLY C 281 -12.40 25.88 -30.22
C GLY C 281 -12.42 25.25 -28.81
N LYS C 282 -11.67 25.78 -27.87
CA LYS C 282 -11.56 25.09 -26.57
C LYS C 282 -11.83 26.05 -25.43
N ILE C 283 -12.52 25.59 -24.38
CA ILE C 283 -12.56 26.34 -23.10
C ILE C 283 -11.20 26.20 -22.40
N LYS C 284 -10.52 27.33 -22.31
CA LYS C 284 -9.15 27.33 -21.80
C LYS C 284 -9.00 27.90 -20.40
N ASP C 285 -9.95 28.71 -19.97
CA ASP C 285 -9.99 29.39 -18.68
C ASP C 285 -11.45 29.52 -18.22
N MET C 286 -11.68 29.50 -16.90
CA MET C 286 -13.05 29.60 -16.36
C MET C 286 -13.00 30.33 -15.05
N ILE C 287 -14.01 31.13 -14.86
CA ILE C 287 -14.26 31.81 -13.59
C ILE C 287 -15.70 31.50 -13.14
N SER C 288 -15.92 31.27 -11.82
CA SER C 288 -17.26 31.10 -11.33
C SER C 288 -17.37 31.54 -9.88
N PHE C 289 -18.56 32.06 -9.53
CA PHE C 289 -18.87 32.50 -8.20
C PHE C 289 -20.39 32.50 -8.10
N TYR C 290 -20.83 32.29 -6.87
CA TYR C 290 -22.24 32.25 -6.53
C TYR C 290 -22.63 33.41 -5.68
N SER C 291 -23.92 33.74 -5.82
CA SER C 291 -24.51 34.87 -5.09
C SER C 291 -25.10 34.38 -3.77
N LEU C 292 -24.58 34.95 -2.68
CA LEU C 292 -25.14 34.71 -1.32
C LEU C 292 -25.17 36.00 -0.52
N PRO C 293 -26.34 36.67 -0.53
CA PRO C 293 -26.51 37.89 0.23
C PRO C 293 -26.52 37.60 1.71
N SER C 294 -26.18 38.61 2.51
CA SER C 294 -26.47 38.57 3.97
C SER C 294 -27.44 39.66 4.29
N GLN C 295 -28.32 39.39 5.26
CA GLN C 295 -29.29 40.38 5.78
C GLN C 295 -28.50 41.20 6.75
N ILE C 296 -28.56 42.52 6.62
CA ILE C 296 -27.81 43.34 7.58
C ILE C 296 -28.75 43.65 8.76
N LEU C 297 -28.35 43.31 9.97
CA LEU C 297 -29.39 43.31 11.00
C LEU C 297 -29.43 44.66 11.69
N GLY C 298 -30.62 45.01 12.17
CA GLY C 298 -30.84 46.23 12.95
C GLY C 298 -30.01 47.44 12.53
N ASN C 299 -29.99 47.67 11.22
CA ASN C 299 -29.22 48.74 10.58
C ASN C 299 -30.16 49.44 9.60
N ASP C 300 -30.65 50.59 10.03
CA ASP C 300 -31.82 51.21 9.45
C ASP C 300 -31.54 51.94 8.14
N LYS C 301 -30.27 51.98 7.74
CA LYS C 301 -29.86 52.61 6.49
CA LYS C 301 -29.86 52.61 6.48
C LYS C 301 -29.72 51.61 5.33
N TYR C 302 -28.91 50.55 5.53
CA TYR C 302 -28.69 49.46 4.53
C TYR C 302 -29.44 48.18 4.93
N SER C 303 -30.08 47.53 3.99
CA SER C 303 -30.74 46.27 4.35
C SER C 303 -29.96 44.98 3.97
N THR C 304 -29.27 44.99 2.82
CA THR C 304 -28.72 43.74 2.23
C THR C 304 -27.27 43.90 1.80
N LEU C 305 -26.41 43.00 2.27
CA LEU C 305 -25.07 42.85 1.71
C LEU C 305 -25.15 41.91 0.47
N ASN C 306 -24.63 42.34 -0.66
CA ASN C 306 -24.66 41.55 -1.89
C ASN C 306 -23.26 40.98 -2.10
N ALA C 307 -23.14 39.69 -1.91
CA ALA C 307 -21.82 39.10 -1.76
C ALA C 307 -21.67 37.98 -2.75
N ALA C 308 -20.54 37.98 -3.46
CA ALA C 308 -20.19 36.93 -4.41
C ALA C 308 -19.25 35.98 -3.68
N TYR C 309 -19.40 34.68 -3.88
CA TYR C 309 -18.50 33.71 -3.25
C TYR C 309 -17.75 32.93 -4.32
N SER C 310 -16.42 32.91 -4.22
CA SER C 310 -15.62 32.21 -5.28
C SER C 310 -15.95 30.72 -5.31
N PHE C 311 -16.24 30.21 -6.52
CA PHE C 311 -16.55 28.78 -6.73
C PHE C 311 -15.39 28.04 -7.32
N TYR C 312 -15.38 27.78 -8.65
CA TYR C 312 -14.22 27.12 -9.27
C TYR C 312 -13.64 28.02 -10.37
N ASN C 313 -12.31 28.15 -10.33
CA ASN C 313 -11.50 29.03 -11.20
C ASN C 313 -10.28 28.29 -11.68
N VAL C 314 -10.14 28.19 -13.01
CA VAL C 314 -9.02 27.52 -13.64
C VAL C 314 -8.53 28.46 -14.70
N THR C 315 -7.20 28.65 -14.76
CA THR C 315 -6.60 29.31 -15.94
C THR C 315 -5.51 28.47 -16.53
N THR C 316 -5.55 28.38 -17.86
CA THR C 316 -4.48 27.79 -18.62
C THR C 316 -3.83 28.80 -19.60
N THR C 317 -4.39 30.00 -19.75
CA THR C 317 -3.71 31.01 -20.59
C THR C 317 -3.12 32.24 -19.85
N ALA C 318 -3.23 32.28 -18.54
CA ALA C 318 -2.95 33.50 -17.78
C ALA C 318 -2.43 33.03 -16.44
N THR C 319 -2.15 33.99 -15.56
CA THR C 319 -1.75 33.62 -14.23
C THR C 319 -3.00 33.59 -13.36
N PHE C 320 -2.93 32.77 -12.34
CA PHE C 320 -4.08 32.71 -11.47
C PHE C 320 -4.47 34.08 -10.89
N LYS C 321 -3.45 34.87 -10.55
CA LYS C 321 -3.70 36.22 -10.18
C LYS C 321 -4.59 37.06 -11.12
N GLN C 322 -4.25 37.03 -12.42
CA GLN C 322 -4.95 37.74 -13.45
C GLN C 322 -6.37 37.20 -13.60
N LEU C 323 -6.47 35.86 -13.65
CA LEU C 323 -7.74 35.20 -13.59
C LEU C 323 -8.60 35.73 -12.40
N MET C 324 -8.11 35.69 -11.15
CA MET C 324 -8.88 36.14 -10.00
C MET C 324 -9.16 37.66 -9.96
N GLN C 325 -8.27 38.38 -10.61
CA GLN C 325 -8.43 39.78 -10.70
C GLN C 325 -9.68 40.01 -11.63
N ASP C 326 -9.72 39.25 -12.74
CA ASP C 326 -10.86 39.23 -13.60
C ASP C 326 -12.16 38.78 -12.88
N ALA C 327 -12.06 37.79 -11.99
CA ALA C 327 -13.27 37.44 -11.20
C ALA C 327 -13.75 38.59 -10.35
N ILE C 328 -12.83 39.34 -9.72
CA ILE C 328 -13.25 40.42 -8.83
C ILE C 328 -13.93 41.50 -9.70
N LEU C 329 -13.38 41.71 -10.90
CA LEU C 329 -13.96 42.72 -11.80
C LEU C 329 -15.33 42.23 -12.31
N LEU C 330 -15.47 40.93 -12.62
CA LEU C 330 -16.75 40.43 -13.06
C LEU C 330 -17.79 40.60 -11.95
N ALA C 331 -17.35 40.38 -10.70
CA ALA C 331 -18.22 40.54 -9.56
C ALA C 331 -18.69 41.95 -9.42
N LYS C 332 -17.73 42.85 -9.58
CA LYS C 332 -18.01 44.29 -9.49
C LYS C 332 -19.05 44.72 -10.56
N ARG C 333 -18.84 44.24 -11.81
CA ARG C 333 -19.71 44.56 -12.88
C ARG C 333 -21.09 44.02 -12.62
N ASN C 334 -21.22 42.96 -11.80
CA ASN C 334 -22.55 42.43 -11.49
C ASN C 334 -23.09 42.87 -10.16
N ASN C 335 -22.59 44.02 -9.73
CA ASN C 335 -23.12 44.73 -8.57
C ASN C 335 -22.79 44.09 -7.21
N PHE C 336 -21.86 43.18 -7.16
CA PHE C 336 -21.52 42.74 -5.77
C PHE C 336 -20.77 43.74 -4.91
N ASP C 337 -21.07 43.74 -3.62
CA ASP C 337 -20.37 44.61 -2.71
C ASP C 337 -19.05 44.02 -2.27
N VAL C 338 -18.89 42.72 -2.33
CA VAL C 338 -17.73 42.08 -1.73
C VAL C 338 -17.54 40.75 -2.50
N PHE C 339 -16.33 40.22 -2.42
CA PHE C 339 -15.98 38.97 -3.06
C PHE C 339 -15.18 38.15 -2.05
N ASN C 340 -15.83 37.07 -1.62
CA ASN C 340 -15.40 36.17 -0.58
C ASN C 340 -14.75 34.94 -1.12
N ALA C 341 -13.64 34.55 -0.52
CA ALA C 341 -13.03 33.28 -0.92
C ALA C 341 -12.45 32.51 0.26
N LEU C 342 -12.19 31.23 0.08
CA LEU C 342 -11.49 30.45 1.10
C LEU C 342 -10.09 30.07 0.60
N GLU C 343 -9.14 29.91 1.53
CA GLU C 343 -7.79 29.36 1.20
C GLU C 343 -7.74 27.91 0.62
N VAL C 344 -8.60 27.58 -0.32
CA VAL C 344 -8.52 26.25 -0.98
C VAL C 344 -7.98 26.38 -2.43
N MET C 345 -7.61 25.25 -3.00
CA MET C 345 -7.06 25.24 -4.35
C MET C 345 -5.94 26.28 -4.41
N GLN C 346 -5.99 27.22 -5.36
CA GLN C 346 -4.89 28.16 -5.56
C GLN C 346 -5.09 29.49 -4.92
N ASN C 347 -6.18 29.57 -4.17
CA ASN C 347 -6.59 30.87 -3.70
C ASN C 347 -5.62 31.62 -2.86
N LYS C 348 -4.95 30.95 -1.92
CA LYS C 348 -4.14 31.69 -0.95
C LYS C 348 -3.06 32.47 -1.71
N SER C 349 -2.52 31.87 -2.78
CA SER C 349 -1.41 32.52 -3.53
C SER C 349 -1.73 33.92 -3.99
N VAL C 350 -2.99 34.26 -4.09
CA VAL C 350 -3.38 35.52 -4.73
C VAL C 350 -3.99 36.52 -3.77
N PHE C 351 -4.15 36.12 -2.51
CA PHE C 351 -4.88 36.91 -1.60
C PHE C 351 -4.18 38.23 -1.29
N GLU C 352 -2.86 38.19 -1.09
CA GLU C 352 -2.15 39.41 -0.68
CA GLU C 352 -2.20 39.41 -0.68
C GLU C 352 -2.12 40.45 -1.80
N ASP C 353 -1.73 40.02 -3.00
CA ASP C 353 -1.58 40.95 -4.14
C ASP C 353 -2.93 41.49 -4.62
N LEU C 354 -4.00 40.70 -4.53
CA LEU C 354 -5.33 41.24 -4.88
C LEU C 354 -6.08 41.93 -3.73
N LYS C 355 -5.40 42.06 -2.58
CA LYS C 355 -5.89 42.86 -1.44
C LYS C 355 -7.12 42.34 -0.69
N PHE C 356 -7.28 41.04 -0.66
CA PHE C 356 -8.12 40.38 0.34
C PHE C 356 -7.69 40.62 1.79
N GLY C 357 -8.66 41.02 2.63
CA GLY C 357 -8.49 40.87 4.10
C GLY C 357 -8.80 39.46 4.59
N GLU C 358 -8.06 38.98 5.59
CA GLU C 358 -8.36 37.73 6.25
C GLU C 358 -9.60 38.04 7.06
N GLY C 359 -10.55 37.10 7.13
CA GLY C 359 -11.70 37.19 8.03
C GLY C 359 -11.36 36.74 9.46
N ASP C 360 -12.40 36.56 10.27
CA ASP C 360 -12.24 36.34 11.72
C ASP C 360 -12.13 34.87 12.11
N GLY C 361 -12.24 33.97 11.16
CA GLY C 361 -12.30 32.56 11.50
C GLY C 361 -12.20 31.69 10.26
N SER C 362 -12.78 30.52 10.30
CA SER C 362 -12.51 29.52 9.27
C SER C 362 -13.73 28.61 9.07
N LEU C 363 -13.70 27.91 7.93
CA LEU C 363 -14.65 26.90 7.53
C LEU C 363 -13.97 25.54 7.68
N LYS C 364 -14.63 24.66 8.43
CA LYS C 364 -14.09 23.35 8.67
C LYS C 364 -14.76 22.42 7.70
N TYR C 365 -13.98 21.53 7.12
CA TYR C 365 -14.50 20.47 6.28
C TYR C 365 -14.48 19.18 7.03
N TYR C 366 -15.65 18.51 7.01
CA TYR C 366 -15.83 17.18 7.65
C TYR C 366 -16.33 16.10 6.69
N LEU C 367 -16.00 14.85 7.05
CA LEU C 367 -16.57 13.65 6.43
C LEU C 367 -17.24 12.83 7.49
N TYR C 368 -18.31 12.12 7.12
CA TYR C 368 -18.99 11.20 8.03
C TYR C 368 -18.70 9.81 7.62
N ASN C 369 -18.40 8.96 8.62
CA ASN C 369 -17.97 7.60 8.42
C ASN C 369 -16.74 7.42 7.51
N TRP C 370 -15.73 8.26 7.72
CA TRP C 370 -14.48 8.19 6.91
C TRP C 370 -13.32 8.57 7.71
N LYS C 371 -12.30 7.72 7.68
CA LYS C 371 -11.08 8.01 8.41
C LYS C 371 -9.87 8.15 7.49
N CYS C 372 -9.18 9.26 7.63
CA CYS C 372 -8.07 9.52 6.72
C CYS C 372 -7.23 10.59 7.40
N ALA C 373 -5.99 10.74 6.98
CA ALA C 373 -5.22 11.87 7.46
C ALA C 373 -5.77 13.25 7.09
N SER C 374 -5.67 14.17 8.03
CA SER C 374 -6.10 15.52 7.70
C SER C 374 -5.06 16.21 6.84
N PHE C 375 -5.45 17.25 6.13
CA PHE C 375 -4.50 17.93 5.26
C PHE C 375 -4.75 19.43 5.22
N ALA C 376 -3.71 20.16 4.80
CA ALA C 376 -3.75 21.57 4.58
C ALA C 376 -4.76 21.97 3.48
N PRO C 377 -5.42 23.14 3.62
CA PRO C 377 -6.55 23.44 2.74
C PRO C 377 -6.14 23.73 1.28
N ALA C 378 -4.85 23.94 1.04
CA ALA C 378 -4.41 24.04 -0.33
C ALA C 378 -4.78 22.73 -1.07
N HIS C 379 -4.92 21.62 -0.33
CA HIS C 379 -5.22 20.33 -0.96
C HIS C 379 -6.72 20.05 -1.06
N VAL C 380 -7.55 21.01 -0.58
CA VAL C 380 -9.06 20.91 -0.67
C VAL C 380 -9.34 21.39 -2.08
N GLY C 381 -10.05 20.59 -2.84
CA GLY C 381 -10.54 20.99 -4.18
C GLY C 381 -12.05 20.98 -4.33
N ILE C 382 -12.78 21.31 -3.26
CA ILE C 382 -14.23 21.28 -3.34
C ILE C 382 -14.71 22.49 -2.57
N VAL C 383 -15.62 23.27 -3.15
CA VAL C 383 -16.35 24.32 -2.45
C VAL C 383 -17.84 23.99 -2.37
N LEU C 384 -18.37 24.01 -1.15
CA LEU C 384 -19.76 23.76 -0.88
C LEU C 384 -20.41 25.08 -0.69
N LEU C 385 -21.73 25.04 -0.61
CA LEU C 385 -22.55 26.23 -0.77
C LEU C 385 -22.83 26.89 0.57
C X25 D . 23.43 -11.14 14.99
C1 X25 D . 23.65 -10.62 13.69
C2 X25 D . 24.55 -10.88 12.74
O X25 D . 24.42 -10.16 11.83
C14 X25 D . 25.59 -11.78 12.92
N1 X25 D . 25.80 -12.52 13.99
C15 X25 D . 26.79 -13.25 13.62
C16 X25 D . 27.48 -14.23 14.44
C17 X25 D . 28.18 -13.26 15.36
C18 X25 D . 28.94 -12.25 14.83
C19 X25 D . 29.58 -11.40 15.70
C20 X25 D . 29.47 -11.52 17.07
C21 X25 D . 28.71 -12.53 17.59
C22 X25 D . 28.06 -13.35 16.71
N2 X25 D . 27.17 -12.90 12.42
O2 X25 D . 26.34 -11.97 12.04
C3 X25 D . 23.36 -9.44 12.02
C13 X25 D . 22.80 -9.65 13.27
C4 X25 D . 22.85 -8.49 11.15
C5 X25 D . 21.74 -7.80 11.56
C6 X25 D . 21.21 -8.04 12.84
C7 X25 D . 21.72 -8.98 13.73
O1 X25 D . 21.20 -9.17 14.97
C8 X25 D . 20.95 -8.01 15.85
C9 X25 D . 19.52 -7.84 16.37
C10 X25 D . 19.25 -8.84 17.46
N X25 D . 20.28 -8.83 18.51
C11 X25 D . 21.66 -8.52 18.19
C12 X25 D . 21.94 -7.67 16.96
S1 NHW E . 19.52 -13.57 22.16
C2 NHW E . 21.20 -13.62 22.88
C3 NHW E . 21.17 -14.36 24.27
N4 NHW E . 22.45 -14.20 25.01
C5 NHW E . 23.55 -14.87 24.59
O5 NHW E . 23.48 -15.71 23.71
C6 NHW E . 24.81 -14.62 25.38
C7 NHW E . 25.75 -15.85 25.36
N8 NHW E . 25.09 -16.99 26.10
C9 NHW E . 24.64 -16.99 27.34
O9 NHW E . 24.75 -16.06 28.13
CP NHW E . 18.80 -12.01 22.78
C10 NHW E . 23.97 -18.29 27.76
O10 NHW E . 24.31 -19.29 26.82
C11 NHW E . 22.43 -18.14 27.83
C12 NHW E . 21.78 -19.51 28.12
C13 NHW E . 21.74 -17.60 26.52
C14 NHW E . 22.20 -17.22 29.06
N1A NHW E . 16.77 -17.43 24.60
O1A NHW E . 21.58 -24.26 31.11
P1A NHW E . 21.05 -22.92 30.71
C1M NHW E . 18.12 -12.24 24.13
O1M NHW E . 18.70 -11.74 25.11
C1X NHW E . 17.16 -21.97 26.90
C2A NHW E . 15.85 -18.10 25.26
O2A NHW E . 21.14 -21.85 31.69
P2A NHW E . 22.97 -21.46 29.23
C2M NHW E . 16.73 -12.77 24.18
C2X NHW E . 17.68 -23.30 26.34
O2X NHW E . 16.93 -23.66 25.15
N3A NHW E . 16.16 -19.30 25.77
O3A NHW E . 21.76 -22.44 29.38
C3M NHW E . 16.46 -13.53 25.50
C3X NHW E . 17.40 -24.25 27.50
O3X NHW E . 15.98 -24.47 27.63
P3X NHW E . 15.52 -25.94 27.11
C4A NHW E . 17.42 -19.77 25.67
O4A NHW E . 23.91 -21.51 30.36
C4M NHW E . 15.11 -14.26 25.40
C4X NHW E . 17.75 -23.41 28.75
O4X NHW E . 17.70 -21.98 28.21
C5A NHW E . 18.38 -19.07 25.01
O5A NHW E . 23.54 -21.87 27.93
C5M NHW E . 14.84 -15.11 26.69
C5X NHW E . 19.13 -23.79 29.13
O5X NHW E . 19.55 -22.95 30.12
C6A NHW E . 18.01 -17.87 24.49
N6A NHW E . 18.87 -17.15 23.80
O6A NHW E . 22.39 -19.99 29.24
C6M NHW E . 13.37 -15.58 26.73
N7A NHW E . 19.56 -19.78 25.09
O7A NHW E . 14.05 -25.90 27.02
C7M NHW E . 12.27 -14.57 27.07
C8A NHW E . 19.27 -20.92 25.77
O8A NHW E . 16.14 -26.04 25.59
C8M NHW E . 10.85 -15.06 27.24
N9A NHW E . 17.96 -20.91 26.13
O9A NHW E . 16.06 -27.05 27.88
C9M NHW E . 9.88 -13.97 27.54
CAM NHW E . 10.02 -13.56 28.99
CBM NHW E . 8.99 -12.56 29.55
CCM NHW E . 7.56 -12.92 29.18
CDM NHW E . 6.56 -11.96 29.80
CEM NHW E . 4.99 -11.92 29.47
CL CL F . 9.04 -23.10 38.52
MG MG G . 23.47 -21.83 33.38
C X25 H . 9.90 -21.53 -17.48
C1 X25 H . 9.61 -22.31 -16.24
C2 X25 H . 10.22 -23.33 -15.59
O X25 H . 9.62 -23.73 -14.63
C14 X25 H . 11.29 -23.98 -16.04
N1 X25 H . 11.98 -23.60 -17.11
C15 X25 H . 13.01 -24.45 -17.09
C16 X25 H . 14.09 -24.67 -18.12
C17 X25 H . 13.30 -25.59 -19.08
C18 X25 H . 12.79 -26.78 -18.56
C19 X25 H . 12.04 -27.64 -19.32
C20 X25 H . 11.73 -27.33 -20.61
C21 X25 H . 12.16 -26.13 -21.06
C22 X25 H . 12.93 -25.24 -20.35
N2 X25 H . 12.82 -25.25 -16.04
O2 X25 H . 11.74 -24.89 -15.43
C3 X25 H . 8.67 -22.97 -14.47
C13 X25 H . 8.54 -22.04 -15.46
C4 X25 H . 7.86 -23.13 -13.39
C5 X25 H . 6.81 -22.32 -13.35
C6 X25 H . 6.61 -21.43 -14.35
C7 X25 H . 7.47 -21.21 -15.38
O1 X25 H . 7.20 -20.32 -16.32
C8 X25 H . 5.97 -20.61 -17.00
C9 X25 H . 5.11 -19.42 -17.28
C10 X25 H . 5.67 -18.70 -18.45
N X25 H . 5.81 -19.56 -19.60
C11 X25 H . 6.14 -20.95 -19.45
C12 X25 H . 5.93 -21.63 -18.12
S1 NHW I . 8.97 -16.23 -23.73
C2 NHW I . 9.33 -17.62 -24.91
C3 NHW I . 9.57 -17.07 -26.29
N4 NHW I . 9.93 -18.11 -27.28
C5 NHW I . 10.97 -18.90 -27.20
O5 NHW I . 11.97 -18.76 -26.47
C6 NHW I . 10.93 -20.09 -28.24
C7 NHW I . 12.30 -20.47 -28.84
N8 NHW I . 12.92 -19.28 -29.53
C9 NHW I . 12.37 -18.67 -30.56
O9 NHW I . 11.42 -19.12 -31.20
CP NHW I . 7.16 -16.04 -23.89
C10 NHW I . 13.21 -17.46 -31.00
O10 NHW I . 14.51 -17.54 -30.38
C11 NHW I . 12.55 -16.11 -30.68
C12 NHW I . 13.48 -14.96 -30.98
C13 NHW I . 12.15 -16.07 -29.21
C14 NHW I . 11.30 -15.98 -31.51
N1A NHW I . 10.86 -11.78 -26.03
O1A NHW I . 14.37 -12.86 -34.80
P1A NHW I . 15.61 -12.58 -34.10
C1M NHW I . 6.73 -15.09 -25.05
O1M NHW I . 6.28 -15.60 -26.08
C1X NHW I . 14.53 -10.18 -29.17
C2A NHW I . 10.94 -10.56 -26.58
O2A NHW I . 16.92 -12.34 -34.86
P2A NHW I . 15.42 -15.20 -32.84
C2M NHW I . 6.85 -13.61 -24.85
C2X NHW I . 16.08 -10.21 -29.05
O2X NHW I . 16.53 -9.62 -27.80
N3A NHW I . 11.96 -10.33 -27.37
O3A NHW I . 15.87 -13.65 -32.91
C3M NHW I . 7.11 -12.88 -26.24
C3X NHW I . 16.46 -9.27 -30.22
O3X NHW I . 16.17 -7.87 -29.93
P3X NHW I . 17.52 -6.94 -29.59
C4A NHW I . 12.87 -11.30 -27.66
O4A NHW I . 15.43 -15.80 -34.21
C4M NHW I . 6.99 -11.37 -25.89
C4X NHW I . 15.52 -9.82 -31.29
O4X NHW I . 14.26 -10.37 -30.55
C5A NHW I . 12.73 -12.57 -27.09
O5A NHW I . 16.31 -15.75 -31.82
C5M NHW I . 7.63 -10.53 -27.04
C5X NHW I . 16.20 -10.88 -32.12
O5X NHW I . 15.34 -11.38 -33.19
C6A NHW I . 11.69 -12.77 -26.24
N6A NHW I . 11.53 -14.03 -25.69
O6A NHW I . 13.84 -15.13 -32.43
C6M NHW I . 7.51 -9.06 -26.82
N7A NHW I . 13.72 -13.34 -27.49
O7A NHW I . 16.97 -5.60 -29.17
C7M NHW I . 6.10 -8.60 -26.60
C8A NHW I . 14.48 -12.56 -28.31
O8A NHW I . 18.43 -7.60 -28.44
C8M NHW I . 6.06 -7.04 -26.48
N9A NHW I . 13.95 -11.35 -28.41
O9A NHW I . 18.42 -6.83 -30.77
C9M NHW I . 4.74 -6.41 -26.42
CAM NHW I . 4.09 -6.21 -27.78
CBM NHW I . 2.62 -5.84 -27.64
CCM NHW I . 2.56 -4.39 -27.21
CDM NHW I . 1.15 -3.83 -27.36
CEM NHW I . 1.17 -2.42 -26.84
S SO4 J . 17.45 -17.13 -1.45
O1 SO4 J . 18.43 -17.03 -0.37
O2 SO4 J . 16.99 -18.52 -1.60
O3 SO4 J . 18.17 -16.69 -2.66
O4 SO4 J . 16.30 -16.20 -1.23
CL CL K . 9.80 -0.20 -38.31
MG MG L . 14.87 -14.68 -36.90
C X25 M . -19.04 31.51 5.99
C1 X25 M . -18.06 32.21 5.14
C2 X25 M . -17.36 33.37 5.29
O X25 M . -16.57 33.60 4.43
C14 X25 M . -17.52 34.15 6.35
N1 X25 M . -18.38 33.85 7.27
C15 X25 M . -18.29 34.81 8.13
C16 X25 M . -19.15 34.94 9.36
C17 X25 M . -20.55 35.31 8.73
C18 X25 M . -20.62 36.31 7.79
C19 X25 M . -21.80 36.67 7.16
C20 X25 M . -22.99 36.00 7.42
C21 X25 M . -22.91 34.97 8.34
C22 X25 M . -21.72 34.63 8.97
N2 X25 M . -17.41 35.67 7.60
O2 X25 M . -16.98 35.19 6.46
C3 X25 M . -16.72 32.64 3.58
C13 X25 M . -17.61 31.68 3.95
C4 X25 M . -16.02 32.58 2.42
C5 X25 M . -16.20 31.48 1.66
C6 X25 M . -17.11 30.50 2.02
C7 X25 M . -17.83 30.58 3.18
O1 X25 M . -18.71 29.61 3.51
C8 X25 M . -19.62 29.24 2.52
C9 X25 M . -19.59 27.77 2.23
C10 X25 M . -19.89 27.11 3.55
N X25 M . -21.19 27.49 4.03
C11 X25 M . -21.68 28.79 3.86
C12 X25 M . -21.06 29.63 2.77
S1 NHW N . -23.09 24.60 8.80
C2 NHW N . -24.53 25.63 9.10
C3 NHW N . -25.46 25.07 10.18
N4 NHW N . -26.61 25.90 10.50
C5 NHW N . -26.52 26.93 11.33
O5 NHW N . -25.49 27.23 11.92
C6 NHW N . -27.81 27.68 11.50
C7 NHW N . -27.93 28.41 12.88
N8 NHW N . -28.00 27.40 13.97
C9 NHW N . -28.94 26.46 14.04
O9 NHW N . -29.92 26.41 13.33
CP NHW N . -23.61 23.87 7.19
C10 NHW N . -28.78 25.47 15.20
O10 NHW N . -27.85 26.12 16.10
C11 NHW N . -28.18 24.12 14.80
C12 NHW N . -27.84 23.37 16.08
C13 NHW N . -26.96 24.25 13.87
C14 NHW N . -29.15 23.30 14.02
N1A NHW N . -23.08 20.62 12.25
O1A NHW N . -29.16 20.98 20.98
P1A NHW N . -28.98 21.05 19.49
C1M NHW N . -24.59 22.73 7.53
O1M NHW N . -25.80 22.86 7.35
C1X NHW N . -24.33 19.80 17.23
C2A NHW N . -23.09 19.46 12.86
O2A NHW N . -30.14 20.90 18.62
P2A NHW N . -28.88 23.72 18.35
C2M NHW N . -23.96 21.40 7.89
C2X NHW N . -23.63 20.12 18.52
O2X NHW N . -22.21 19.82 18.31
N3A NHW N . -23.41 19.38 14.16
O3A NHW N . -28.19 22.37 18.98
C3M NHW N . -24.79 20.47 8.79
C3X NHW N . -24.37 19.13 19.46
O3X NHW N . -23.86 17.83 19.40
P3X NHW N . -22.69 17.30 20.57
C4A NHW N . -23.81 20.47 14.84
O4A NHW N . -30.22 24.00 18.74
C4M NHW N . -24.01 19.22 9.04
C4X NHW N . -25.77 19.09 18.85
O4X NHW N . -25.71 19.71 17.57
C5A NHW N . -23.78 21.68 14.20
O5A NHW N . -27.81 24.73 18.49
C5M NHW N . -24.79 18.29 10.03
C5X NHW N . -26.58 20.12 19.57
O5X NHW N . -27.91 19.95 19.21
C6A NHW N . -23.39 21.74 12.89
N6A NHW N . -23.43 22.93 12.32
O6A NHW N . -29.01 23.23 16.86
C6M NHW N . -24.19 16.89 10.24
N7A NHW N . -24.17 22.63 15.05
O7A NHW N . -23.31 17.48 21.90
C7M NHW N . -24.34 15.96 9.02
C8A NHW N . -24.36 22.05 16.21
O8A NHW N . -21.51 18.25 20.43
C8M NHW N . -23.46 14.71 9.21
N9A NHW N . -24.14 20.74 16.12
O9A NHW N . -22.14 15.92 20.14
C9M NHW N . -23.67 13.60 8.11
CAM NHW N . -25.15 13.17 8.06
CBM NHW N . -25.45 12.08 7.03
CCM NHW N . -24.62 10.83 6.98
CDM NHW N . -24.92 9.97 5.74
CEM NHW N . -24.15 8.69 5.70
CL CL O . -30.86 6.94 18.56
MG MG P . -32.53 22.18 19.53
#